data_2OTD
#
_entry.id   2OTD
#
_cell.length_a   80.617
_cell.length_b   82.185
_cell.length_c   223.202
_cell.angle_alpha   90.00
_cell.angle_beta   90.00
_cell.angle_gamma   90.00
#
_symmetry.space_group_name_H-M   'P 21 21 21'
#
loop_
_entity.id
_entity.type
_entity.pdbx_description
1 polymer 'Glycerophosphodiester phosphodiesterase'
2 non-polymer 'PHOSPHATE ION'
3 water water
#
_entity_poly.entity_id   1
_entity_poly.type   'polypeptide(L)'
_entity_poly.pdbx_seq_one_letter_code
;(MSE)SNWPYPRIVAHRGGGKLAPENTLAAIDVGAKYGHK(MSE)IEFDAKLSKDGEIFLLHDDNLERTSNGWGVAGELN
WQDLLRVDAGSWYSKAFKGEPLPLLSQVAERCREHG(MSE)(MSE)ANIEIKPTTGTGPLTGK(MSE)VALAARQLWAG
(MSE)TPPLLSSFEIDALEAAQQAAPELPRGLLLDEWRDDWRELTARLGCVSIHLNHKLLDKARV(MSE)QLKDAGLRIL
VYTVNKPQHAAELLRWGVDCICTDAIDVIGPNFTAQ
;
_entity_poly.pdbx_strand_id   A,B,C,D
#
# COMPACT_ATOMS: atom_id res chain seq x y z
N SER A 2 34.73 9.26 -14.88
CA SER A 2 33.72 8.23 -14.48
C SER A 2 32.27 8.76 -14.63
N ASN A 3 31.35 7.91 -15.12
CA ASN A 3 29.96 8.34 -15.44
C ASN A 3 29.09 8.59 -14.18
N TRP A 4 28.02 9.39 -14.34
CA TRP A 4 27.39 10.15 -13.22
C TRP A 4 25.89 10.44 -13.43
N PRO A 5 25.02 9.55 -12.96
CA PRO A 5 23.58 9.68 -13.15
C PRO A 5 22.83 10.46 -12.07
N TYR A 6 23.53 10.96 -11.07
CA TYR A 6 22.90 11.48 -9.85
C TYR A 6 22.39 12.90 -10.10
N PRO A 7 21.24 13.26 -9.52
CA PRO A 7 20.60 14.59 -9.62
C PRO A 7 21.36 15.72 -9.01
N ARG A 8 21.03 16.92 -9.46
CA ARG A 8 21.60 18.13 -8.88
C ARG A 8 21.29 18.24 -7.41
N ILE A 9 20.09 17.82 -6.98
CA ILE A 9 19.67 18.09 -5.62
C ILE A 9 19.39 16.81 -4.88
N VAL A 10 19.75 16.80 -3.59
CA VAL A 10 19.67 15.61 -2.77
C VAL A 10 19.01 15.92 -1.42
N ALA A 11 18.02 15.09 -1.08
CA ALA A 11 17.19 15.26 0.13
C ALA A 11 17.88 14.64 1.34
N HIS A 12 18.33 15.50 2.24
CA HIS A 12 19.17 15.11 3.35
C HIS A 12 18.37 14.24 4.32
N ARG A 13 18.87 13.03 4.55
CA ARG A 13 18.22 12.10 5.47
C ARG A 13 16.76 11.81 5.14
N GLY A 14 16.45 11.81 3.85
CA GLY A 14 15.12 11.39 3.41
C GLY A 14 14.12 12.52 3.21
N GLY A 15 13.84 13.27 4.29
CA GLY A 15 12.79 14.29 4.31
C GLY A 15 13.28 15.67 4.73
N GLY A 16 14.60 15.85 4.76
CA GLY A 16 15.23 17.08 5.24
C GLY A 16 14.77 17.35 6.66
N LYS A 17 14.41 18.60 6.94
CA LYS A 17 13.88 18.96 8.27
C LYS A 17 12.36 18.96 8.35
N LEU A 18 11.69 18.62 7.24
CA LEU A 18 10.22 18.58 7.20
C LEU A 18 9.61 17.33 7.86
N ALA A 19 10.45 16.38 8.24
CA ALA A 19 9.97 15.10 8.77
C ALA A 19 11.09 14.52 9.61
N PRO A 20 10.79 13.51 10.45
CA PRO A 20 11.84 12.91 11.29
C PRO A 20 12.82 12.13 10.46
N GLU A 21 14.07 12.58 10.52
CA GLU A 21 15.16 12.08 9.69
C GLU A 21 15.34 10.57 9.69
N ASN A 22 15.96 10.07 8.63
CA ASN A 22 16.27 8.66 8.53
C ASN A 22 15.07 7.75 8.82
N THR A 23 13.93 8.13 8.29
CA THR A 23 12.72 7.38 8.50
C THR A 23 12.02 7.10 7.16
N LEU A 24 11.34 5.96 7.06
CA LEU A 24 10.48 5.67 5.89
C LEU A 24 9.53 6.86 5.57
N ALA A 25 8.85 7.36 6.62
CA ALA A 25 7.94 8.50 6.43
C ALA A 25 8.63 9.76 5.86
N ALA A 26 9.90 9.98 6.20
CA ALA A 26 10.66 11.15 5.73
C ALA A 26 10.93 10.99 4.26
N ILE A 27 11.31 9.77 3.86
CA ILE A 27 11.53 9.44 2.45
C ILE A 27 10.22 9.66 1.68
N ASP A 28 9.10 9.32 2.29
CA ASP A 28 7.82 9.65 1.66
C ASP A 28 7.71 11.16 1.48
N VAL A 29 7.99 11.92 2.52
CA VAL A 29 7.86 13.37 2.37
C VAL A 29 8.75 13.86 1.25
N GLY A 30 9.92 13.26 1.11
CA GLY A 30 10.82 13.62 0.05
C GLY A 30 10.21 13.42 -1.32
N ALA A 31 9.51 12.30 -1.49
CA ALA A 31 8.85 12.01 -2.78
C ALA A 31 7.67 13.00 -3.02
N LYS A 32 6.94 13.37 -1.96
CA LYS A 32 5.89 14.38 -2.07
C LYS A 32 6.37 15.72 -2.59
N TYR A 33 7.65 16.07 -2.43
CA TYR A 33 8.15 17.32 -3.06
C TYR A 33 8.90 17.06 -4.35
N GLY A 34 8.72 15.86 -4.91
CA GLY A 34 9.31 15.49 -6.18
C GLY A 34 10.76 15.10 -6.21
N HIS A 35 11.40 14.95 -5.06
CA HIS A 35 12.84 14.76 -5.06
C HIS A 35 13.29 13.44 -5.62
N LYS A 36 14.42 13.50 -6.33
CA LYS A 36 14.85 12.41 -7.19
C LYS A 36 15.92 11.56 -6.56
N ILE A 38 17.70 10.68 -2.48
CA ILE A 38 17.77 10.83 -1.05
C ILE A 38 19.14 10.39 -0.54
N GLU A 39 19.60 11.07 0.51
CA GLU A 39 20.75 10.64 1.31
C GLU A 39 20.25 10.12 2.66
N PHE A 40 20.90 9.07 3.18
CA PHE A 40 20.56 8.55 4.52
C PHE A 40 21.72 7.77 5.12
N ASP A 41 21.66 7.60 6.45
CA ASP A 41 22.80 7.19 7.27
C ASP A 41 22.61 5.73 7.74
N ALA A 42 23.56 4.84 7.46
CA ALA A 42 23.38 3.40 7.82
C ALA A 42 24.44 2.78 8.81
N LYS A 43 23.96 1.82 9.61
CA LYS A 43 24.67 1.16 10.70
C LYS A 43 24.22 -0.29 10.85
N LEU A 44 24.97 -1.01 11.69
CA LEU A 44 24.67 -2.40 12.05
C LEU A 44 24.04 -2.49 13.43
N SER A 45 23.03 -3.35 13.59
CA SER A 45 22.59 -3.71 14.93
C SER A 45 23.62 -4.67 15.52
N LYS A 46 23.47 -5.01 16.79
CA LYS A 46 24.42 -5.95 17.43
C LYS A 46 24.48 -7.29 16.72
N ASP A 47 23.33 -7.76 16.23
CA ASP A 47 23.24 -9.01 15.47
C ASP A 47 23.46 -8.84 13.94
N GLY A 48 23.74 -7.64 13.48
CA GLY A 48 24.13 -7.42 12.08
C GLY A 48 22.99 -7.20 11.09
N GLU A 49 21.91 -6.59 11.52
CA GLU A 49 20.94 -6.07 10.57
C GLU A 49 21.37 -4.67 10.20
N ILE A 50 21.18 -4.29 8.94
CA ILE A 50 21.49 -2.93 8.54
C ILE A 50 20.23 -2.07 8.58
N PHE A 51 20.28 -0.99 9.36
CA PHE A 51 19.14 -0.10 9.61
C PHE A 51 19.66 1.34 9.56
N LEU A 52 18.76 2.33 9.63
CA LEU A 52 19.20 3.71 9.53
C LEU A 52 19.23 4.41 10.87
N LEU A 53 20.34 5.05 11.19
CA LEU A 53 20.40 5.95 12.36
C LEU A 53 21.68 6.75 12.30
N HIS A 54 21.62 8.06 12.47
CA HIS A 54 22.79 8.89 12.27
C HIS A 54 23.74 8.72 13.44
N ASP A 55 23.24 8.90 14.65
CA ASP A 55 24.08 8.98 15.82
C ASP A 55 24.44 7.60 16.28
N ASP A 56 25.46 7.48 17.12
CA ASP A 56 25.73 6.26 17.86
C ASP A 56 24.62 5.88 18.78
N ASN A 57 23.99 6.88 19.35
CA ASN A 57 23.01 6.71 20.39
C ASN A 57 21.63 7.08 19.91
N LEU A 58 20.64 6.43 20.48
CA LEU A 58 19.24 6.51 20.08
C LEU A 58 18.51 7.78 20.49
N GLU A 59 19.03 8.48 21.48
CA GLU A 59 18.29 9.56 22.19
C GLU A 59 17.75 10.72 21.38
N ARG A 60 18.60 11.24 20.50
CA ARG A 60 18.31 12.50 19.83
C ARG A 60 17.09 12.33 18.93
N THR A 61 17.00 11.21 18.24
CA THR A 61 15.95 11.01 17.26
C THR A 61 15.06 9.85 17.66
N SER A 62 14.84 9.63 18.96
CA SER A 62 13.85 8.58 19.38
C SER A 62 13.57 8.55 20.87
N ASN A 63 12.64 7.68 21.26
CA ASN A 63 12.30 7.48 22.68
C ASN A 63 13.19 6.44 23.35
N GLY A 64 14.21 5.97 22.63
CA GLY A 64 15.14 5.00 23.17
C GLY A 64 16.40 5.63 23.74
N TRP A 65 17.26 4.77 24.32
CA TRP A 65 18.44 5.25 25.02
C TRP A 65 19.65 4.36 24.77
N GLY A 66 20.83 4.98 24.69
CA GLY A 66 22.08 4.25 24.62
C GLY A 66 22.48 3.88 23.21
N VAL A 67 23.48 3.00 23.10
CA VAL A 67 24.17 2.76 21.87
C VAL A 67 23.39 1.76 21.02
N ALA A 68 22.71 2.28 19.99
CA ALA A 68 21.92 1.48 19.04
C ALA A 68 22.63 0.20 18.60
N GLY A 69 23.89 0.36 18.19
CA GLY A 69 24.69 -0.78 17.77
C GLY A 69 24.92 -1.88 18.81
N GLU A 70 24.66 -1.56 20.07
CA GLU A 70 24.78 -2.51 21.16
C GLU A 70 23.48 -3.26 21.42
N LEU A 71 22.44 -2.97 20.65
CA LEU A 71 21.14 -3.65 20.82
C LEU A 71 20.88 -4.60 19.66
N ASN A 72 20.09 -5.64 19.92
CA ASN A 72 19.68 -6.58 18.87
C ASN A 72 18.44 -6.08 18.16
N TRP A 73 18.30 -6.45 16.90
CA TRP A 73 17.24 -5.88 16.08
C TRP A 73 15.86 -6.03 16.73
N GLN A 74 15.58 -7.19 17.33
CA GLN A 74 14.29 -7.45 17.99
C GLN A 74 13.95 -6.36 19.03
N ASP A 75 14.99 -5.70 19.52
CA ASP A 75 14.83 -4.62 20.49
C ASP A 75 14.80 -3.24 19.84
N LEU A 76 15.55 -3.06 18.77
CA LEU A 76 15.45 -1.80 18.03
C LEU A 76 14.06 -1.66 17.36
N LEU A 77 13.42 -2.80 17.16
CA LEU A 77 12.08 -2.84 16.63
C LEU A 77 11.07 -2.18 17.56
N ARG A 78 11.43 -2.00 18.84
CA ARG A 78 10.50 -1.45 19.81
C ARG A 78 10.57 0.07 19.91
N VAL A 79 11.45 0.68 19.14
CA VAL A 79 11.74 2.08 19.31
C VAL A 79 10.84 2.97 18.45
N ASP A 80 10.48 4.14 18.96
CA ASP A 80 9.72 5.14 18.20
C ASP A 80 10.70 6.22 17.73
N ALA A 81 11.03 6.19 16.45
CA ALA A 81 11.98 7.16 15.84
C ALA A 81 11.24 8.31 15.17
N GLY A 82 10.00 8.53 15.58
CA GLY A 82 9.15 9.57 14.98
C GLY A 82 8.55 10.62 15.90
N SER A 83 7.99 10.21 17.03
CA SER A 83 7.22 11.20 17.80
C SER A 83 8.09 12.28 18.45
N TRP A 84 9.39 12.13 18.44
CA TRP A 84 10.27 13.19 18.90
C TRP A 84 10.13 14.39 18.00
N TYR A 85 9.75 14.16 16.74
CA TYR A 85 9.59 15.25 15.76
C TYR A 85 8.22 15.97 15.77
N SER A 86 7.14 15.19 15.71
CA SER A 86 5.74 15.67 15.75
C SER A 86 4.88 14.64 16.37
N LYS A 87 3.71 15.06 16.80
CA LYS A 87 2.74 14.09 17.25
C LYS A 87 2.24 13.21 16.10
N ALA A 88 2.41 13.63 14.85
CA ALA A 88 1.92 12.89 13.68
C ALA A 88 2.72 11.61 13.38
N PHE A 89 3.99 11.58 13.76
CA PHE A 89 4.84 10.43 13.46
C PHE A 89 4.94 9.36 14.59
N LYS A 90 3.89 9.25 15.37
CA LYS A 90 3.82 8.27 16.45
C LYS A 90 4.33 6.86 16.09
N GLY A 91 3.88 6.30 14.98
CA GLY A 91 4.35 4.92 14.70
C GLY A 91 5.87 4.68 14.54
N GLU A 92 6.63 5.72 14.29
CA GLU A 92 7.69 5.59 13.30
C GLU A 92 8.88 4.78 13.76
N PRO A 93 9.15 3.64 13.08
CA PRO A 93 10.19 2.72 13.42
C PRO A 93 11.50 2.98 12.72
N LEU A 94 12.58 2.51 13.35
CA LEU A 94 13.87 2.46 12.72
C LEU A 94 13.72 1.55 11.49
N PRO A 95 14.08 2.05 10.32
CA PRO A 95 13.93 1.27 9.12
C PRO A 95 15.15 0.45 8.72
N LEU A 96 14.92 -0.80 8.31
CA LEU A 96 15.96 -1.60 7.66
C LEU A 96 16.35 -1.05 6.29
N LEU A 97 17.55 -1.38 5.88
CA LEU A 97 18.05 -0.89 4.59
C LEU A 97 17.28 -1.55 3.47
N SER A 98 16.81 -2.78 3.69
CA SER A 98 16.07 -3.49 2.66
C SER A 98 14.78 -2.73 2.32
N GLN A 99 14.14 -2.20 3.36
CA GLN A 99 12.93 -1.38 3.21
C GLN A 99 13.14 -0.04 2.50
N VAL A 100 14.27 0.61 2.77
CA VAL A 100 14.60 1.86 2.13
C VAL A 100 14.85 1.63 0.66
N ALA A 101 15.53 0.53 0.33
CA ALA A 101 15.75 0.16 -1.08
C ALA A 101 14.41 0.01 -1.79
N GLU A 102 13.42 -0.49 -1.05
CA GLU A 102 12.11 -0.71 -1.59
C GLU A 102 11.45 0.65 -1.85
N ARG A 103 11.39 1.56 -0.88
CA ARG A 103 10.84 2.89 -1.14
C ARG A 103 11.51 3.55 -2.34
N CYS A 104 12.83 3.52 -2.39
CA CYS A 104 13.53 4.04 -3.54
C CYS A 104 13.00 3.50 -4.87
N ARG A 105 12.81 2.19 -4.96
CA ARG A 105 12.27 1.60 -6.16
C ARG A 105 10.88 2.15 -6.49
N GLU A 106 9.97 2.13 -5.53
CA GLU A 106 8.61 2.66 -5.73
C GLU A 106 8.49 4.13 -6.09
N HIS A 107 9.32 4.97 -5.49
CA HIS A 107 9.32 6.37 -5.83
C HIS A 107 10.30 6.71 -6.95
N GLY A 108 10.93 5.73 -7.56
CA GLY A 108 11.98 6.02 -8.53
C GLY A 108 13.02 7.01 -8.07
N ALA A 111 19.90 6.87 -4.51
CA ALA A 111 20.32 6.73 -3.12
C ALA A 111 21.80 7.07 -2.92
N ASN A 112 22.06 7.97 -1.99
CA ASN A 112 23.40 8.15 -1.44
C ASN A 112 23.39 7.51 -0.07
N ILE A 113 23.96 6.32 0.05
CA ILE A 113 24.06 5.64 1.36
C ILE A 113 25.27 6.17 2.09
N GLU A 114 25.08 6.94 3.15
CA GLU A 114 26.24 7.29 4.00
C GLU A 114 26.47 6.16 5.00
N ILE A 115 27.63 5.52 4.92
CA ILE A 115 28.01 4.48 5.85
C ILE A 115 28.39 5.23 7.13
N LYS A 116 27.57 5.08 8.18
CA LYS A 116 27.79 5.79 9.43
C LYS A 116 27.87 4.82 10.59
N PRO A 117 29.06 4.20 10.73
CA PRO A 117 29.23 3.11 11.69
C PRO A 117 29.24 3.60 13.13
N THR A 118 28.80 2.71 14.02
CA THR A 118 28.99 2.87 15.43
C THR A 118 30.49 2.96 15.65
N THR A 119 30.93 3.90 16.49
CA THR A 119 32.38 4.08 16.71
C THR A 119 33.03 2.74 17.06
N GLY A 120 34.11 2.44 16.36
CA GLY A 120 34.82 1.18 16.51
C GLY A 120 34.47 0.09 15.51
N THR A 121 33.46 0.29 14.65
CA THR A 121 32.98 -0.79 13.80
C THR A 121 33.09 -0.54 12.29
N GLY A 122 33.99 0.37 11.89
CA GLY A 122 34.04 0.81 10.49
C GLY A 122 34.25 -0.31 9.50
N PRO A 123 35.33 -1.05 9.65
CA PRO A 123 35.66 -2.12 8.72
C PRO A 123 34.51 -3.11 8.58
N LEU A 124 33.99 -3.61 9.68
CA LEU A 124 32.84 -4.49 9.61
C LEU A 124 31.63 -3.82 8.96
N THR A 125 31.35 -2.57 9.35
CA THR A 125 30.22 -1.83 8.81
C THR A 125 30.38 -1.54 7.34
N GLY A 126 31.57 -1.13 6.93
CA GLY A 126 31.87 -0.85 5.53
C GLY A 126 31.59 -2.06 4.66
N LYS A 127 32.02 -3.22 5.13
CA LYS A 127 31.93 -4.45 4.34
C LYS A 127 30.48 -4.86 4.22
N VAL A 129 27.57 -3.12 4.66
CA VAL A 129 26.72 -2.21 3.94
C VAL A 129 27.02 -2.37 2.45
N ALA A 130 28.31 -2.38 2.11
CA ALA A 130 28.71 -2.52 0.71
C ALA A 130 28.11 -3.76 0.08
N LEU A 131 28.18 -4.92 0.74
CA LEU A 131 27.58 -6.13 0.16
C LEU A 131 26.04 -6.05 0.14
N ALA A 132 25.43 -5.48 1.16
CA ALA A 132 23.95 -5.38 1.16
C ALA A 132 23.46 -4.40 0.09
N ALA A 133 24.18 -3.29 -0.09
CA ALA A 133 23.85 -2.35 -1.17
C ALA A 133 23.85 -3.07 -2.51
N ARG A 134 24.93 -3.83 -2.77
CA ARG A 134 25.04 -4.64 -3.98
C ARG A 134 23.82 -5.53 -4.20
N GLN A 135 23.30 -6.16 -3.14
CA GLN A 135 22.22 -7.10 -3.33
C GLN A 135 20.96 -6.31 -3.62
N LEU A 136 20.61 -5.42 -2.70
CA LEU A 136 19.32 -4.74 -2.69
C LEU A 136 19.10 -3.72 -3.81
N TRP A 137 20.17 -3.25 -4.44
CA TRP A 137 20.05 -2.26 -5.50
C TRP A 137 20.25 -2.88 -6.89
N ALA A 138 20.32 -4.22 -6.95
CA ALA A 138 20.31 -4.92 -8.23
C ALA A 138 19.12 -4.44 -9.07
N GLY A 139 19.35 -4.22 -10.35
CA GLY A 139 18.30 -3.79 -11.27
C GLY A 139 18.00 -2.32 -11.22
N THR A 141 19.60 2.05 -10.33
CA THR A 141 20.77 2.96 -10.34
C THR A 141 21.67 2.55 -9.17
N PRO A 142 22.96 2.36 -9.43
CA PRO A 142 23.81 1.99 -8.30
C PRO A 142 23.85 3.09 -7.27
N PRO A 143 23.81 2.73 -5.99
CA PRO A 143 23.76 3.76 -4.96
C PRO A 143 25.13 4.33 -4.75
N LEU A 144 25.23 5.60 -4.37
CA LEU A 144 26.53 6.24 -4.09
C LEU A 144 26.88 6.04 -2.66
N LEU A 145 27.89 5.21 -2.42
CA LEU A 145 28.37 4.93 -1.09
C LEU A 145 29.27 6.06 -0.55
N SER A 146 28.97 6.56 0.64
CA SER A 146 29.67 7.71 1.25
C SER A 146 30.24 7.38 2.64
N SER A 147 31.27 8.09 3.10
CA SER A 147 31.64 8.03 4.54
C SER A 147 32.69 8.99 4.99
N PHE A 148 32.64 9.35 6.28
CA PHE A 148 33.73 10.09 6.91
C PHE A 148 34.87 9.19 7.31
N GLU A 149 34.62 7.89 7.38
CA GLU A 149 35.63 6.93 7.81
C GLU A 149 36.36 6.32 6.63
N ILE A 150 37.67 6.56 6.55
CA ILE A 150 38.54 5.79 5.67
C ILE A 150 38.47 4.30 6.01
N ASP A 151 38.36 3.99 7.30
CA ASP A 151 37.83 2.70 7.73
C ASP A 151 36.87 2.12 6.70
N ALA A 152 35.68 2.71 6.62
CA ALA A 152 34.55 2.06 5.98
C ALA A 152 34.67 2.09 4.47
N LEU A 153 35.27 3.16 3.95
CA LEU A 153 35.46 3.30 2.51
C LEU A 153 36.41 2.24 1.96
N GLU A 154 37.48 1.97 2.71
CA GLU A 154 38.41 0.90 2.35
C GLU A 154 37.75 -0.48 2.30
N ALA A 155 36.85 -0.75 3.23
CA ALA A 155 36.18 -2.03 3.32
C ALA A 155 35.16 -2.16 2.21
N ALA A 156 34.57 -1.03 1.83
CA ALA A 156 33.61 -0.99 0.71
C ALA A 156 34.37 -1.19 -0.59
N GLN A 157 35.57 -0.63 -0.68
CA GLN A 157 36.43 -0.79 -1.86
C GLN A 157 36.83 -2.23 -2.15
N GLN A 158 36.85 -3.09 -1.13
CA GLN A 158 37.15 -4.51 -1.32
C GLN A 158 35.88 -5.30 -1.53
N ALA A 159 34.89 -5.09 -0.68
CA ALA A 159 33.67 -5.87 -0.73
C ALA A 159 32.85 -5.66 -2.03
N ALA A 160 32.72 -4.40 -2.47
CA ALA A 160 31.97 -4.09 -3.70
C ALA A 160 32.71 -3.02 -4.47
N PRO A 161 33.75 -3.43 -5.23
CA PRO A 161 34.55 -2.48 -5.98
C PRO A 161 33.70 -1.68 -6.95
N GLU A 162 32.73 -2.32 -7.59
CA GLU A 162 31.99 -1.62 -8.63
C GLU A 162 31.18 -0.46 -8.10
N LEU A 163 30.71 -0.55 -6.86
CA LEU A 163 29.84 0.51 -6.31
C LEU A 163 30.63 1.81 -6.17
N PRO A 164 30.14 2.91 -6.74
CA PRO A 164 30.91 4.14 -6.64
C PRO A 164 30.97 4.67 -5.23
N ARG A 165 32.02 5.42 -4.92
CA ARG A 165 32.35 5.85 -3.55
C ARG A 165 32.65 7.33 -3.44
N GLY A 166 32.29 7.92 -2.30
CA GLY A 166 32.62 9.30 -2.02
C GLY A 166 33.21 9.49 -0.63
N LEU A 167 34.15 10.42 -0.51
CA LEU A 167 34.81 10.75 0.77
C LEU A 167 34.16 11.99 1.35
N LEU A 168 33.62 11.88 2.57
CA LEU A 168 33.04 12.99 3.31
C LEU A 168 34.14 13.65 4.12
N LEU A 169 34.25 14.97 3.97
CA LEU A 169 35.13 15.77 4.78
C LEU A 169 34.36 16.91 5.37
N ASP A 170 34.37 17.00 6.69
CA ASP A 170 33.82 18.13 7.44
C ASP A 170 34.87 19.21 7.65
N GLU A 171 36.12 18.85 7.38
CA GLU A 171 37.25 19.77 7.47
C GLU A 171 38.20 19.49 6.32
N TRP A 172 38.85 20.54 5.84
CA TRP A 172 39.74 20.39 4.71
C TRP A 172 40.99 19.56 5.03
N ARG A 173 41.43 18.77 4.05
CA ARG A 173 42.59 17.88 4.15
C ARG A 173 43.56 18.17 3.01
N ASP A 174 44.81 18.49 3.31
CA ASP A 174 45.73 18.89 2.23
C ASP A 174 46.04 17.78 1.26
N ASP A 175 45.81 16.53 1.71
CA ASP A 175 46.12 15.31 0.95
C ASP A 175 44.92 14.70 0.22
N TRP A 176 43.89 15.51 0.05
CA TRP A 176 42.65 15.04 -0.57
C TRP A 176 42.84 14.34 -1.91
N ARG A 177 43.80 14.83 -2.70
CA ARG A 177 44.10 14.24 -4.01
C ARG A 177 44.63 12.81 -3.89
N GLU A 178 45.67 12.62 -3.07
CA GLU A 178 46.23 11.30 -2.92
C GLU A 178 45.21 10.35 -2.26
N LEU A 179 44.47 10.87 -1.30
CA LEU A 179 43.52 10.05 -0.59
C LEU A 179 42.37 9.59 -1.48
N THR A 180 41.75 10.52 -2.21
CA THR A 180 40.65 10.15 -3.11
C THR A 180 41.11 9.19 -4.19
N ALA A 181 42.30 9.44 -4.75
CA ALA A 181 42.95 8.52 -5.73
C ALA A 181 43.11 7.06 -5.24
N ARG A 182 43.74 6.89 -4.07
CA ARG A 182 43.92 5.56 -3.45
C ARG A 182 42.58 4.86 -3.20
N LEU A 183 41.65 5.60 -2.59
CA LEU A 183 40.32 5.08 -2.35
C LEU A 183 39.54 4.80 -3.65
N GLY A 184 39.98 5.36 -4.79
CA GLY A 184 39.26 5.25 -6.04
C GLY A 184 37.91 5.96 -6.06
N CYS A 185 37.80 7.11 -5.42
CA CYS A 185 36.54 7.86 -5.36
C CYS A 185 36.15 8.48 -6.67
N VAL A 186 34.90 8.29 -7.08
CA VAL A 186 34.25 9.16 -8.05
C VAL A 186 34.01 10.53 -7.41
N SER A 187 33.56 10.59 -6.17
CA SER A 187 33.13 11.89 -5.64
C SER A 187 33.80 12.30 -4.34
N ILE A 188 33.81 13.61 -4.09
CA ILE A 188 34.22 14.14 -2.79
C ILE A 188 33.08 14.98 -2.18
N HIS A 189 32.72 14.69 -0.93
CA HIS A 189 31.53 15.27 -0.32
C HIS A 189 31.95 16.20 0.80
N LEU A 190 31.72 17.49 0.62
CA LEU A 190 32.29 18.50 1.52
C LEU A 190 31.26 19.36 2.22
N ASN A 191 31.52 19.66 3.48
CA ASN A 191 30.83 20.75 4.14
C ASN A 191 30.96 22.02 3.30
N HIS A 192 29.85 22.74 3.13
CA HIS A 192 29.79 23.91 2.26
C HIS A 192 30.70 25.08 2.67
N LYS A 193 30.95 25.23 3.97
CA LYS A 193 31.84 26.31 4.43
C LYS A 193 33.25 26.25 3.80
N LEU A 194 33.72 25.04 3.49
CA LEU A 194 35.08 24.84 3.01
C LEU A 194 35.28 25.24 1.53
N LEU A 195 34.21 25.49 0.78
CA LEU A 195 34.34 25.79 -0.65
C LEU A 195 34.45 27.28 -0.99
N ASP A 196 35.08 27.52 -2.14
CA ASP A 196 35.04 28.79 -2.85
C ASP A 196 35.32 28.47 -4.31
N LYS A 197 35.30 29.48 -5.18
CA LYS A 197 35.49 29.22 -6.62
C LYS A 197 36.74 28.38 -6.90
N ALA A 198 37.82 28.66 -6.16
CA ALA A 198 39.12 28.02 -6.39
C ALA A 198 39.10 26.51 -6.15
N ARG A 199 38.83 26.12 -4.91
CA ARG A 199 38.79 24.69 -4.56
C ARG A 199 37.85 23.87 -5.45
N VAL A 200 36.68 24.44 -5.76
CA VAL A 200 35.78 23.79 -6.68
C VAL A 200 36.55 23.50 -7.95
N GLN A 202 39.81 23.29 -8.65
CA GLN A 202 40.86 22.27 -8.57
C GLN A 202 40.38 20.86 -8.24
N LEU A 203 39.30 20.75 -7.45
CA LEU A 203 38.66 19.45 -7.26
C LEU A 203 38.16 18.91 -8.60
N LYS A 204 37.59 19.79 -9.42
CA LYS A 204 37.12 19.39 -10.74
C LYS A 204 38.28 18.93 -11.61
N ASP A 205 39.35 19.72 -11.64
CA ASP A 205 40.48 19.37 -12.47
C ASP A 205 41.10 18.03 -12.12
N ALA A 206 41.11 17.69 -10.84
CA ALA A 206 41.56 16.38 -10.42
C ALA A 206 40.58 15.27 -10.83
N GLY A 207 39.47 15.63 -11.50
CA GLY A 207 38.53 14.66 -12.08
C GLY A 207 37.37 14.26 -11.18
N LEU A 208 37.18 14.97 -10.08
CA LEU A 208 36.20 14.58 -9.08
C LEU A 208 34.85 15.29 -9.24
N ARG A 209 33.80 14.49 -9.08
CA ARG A 209 32.48 14.99 -8.79
C ARG A 209 32.37 15.50 -7.34
N ILE A 210 31.55 16.52 -7.14
CA ILE A 210 31.50 17.24 -5.88
C ILE A 210 30.10 17.39 -5.37
N LEU A 211 29.88 16.97 -4.13
CA LEU A 211 28.59 17.14 -3.41
C LEU A 211 28.85 17.98 -2.18
N VAL A 212 27.86 18.75 -1.77
CA VAL A 212 28.01 19.72 -0.68
C VAL A 212 26.87 19.56 0.27
N TYR A 213 27.09 19.81 1.56
CA TYR A 213 26.03 19.73 2.58
C TYR A 213 26.30 20.76 3.68
N THR A 214 25.32 21.21 4.45
CA THR A 214 23.90 21.09 4.16
C THR A 214 23.42 22.49 3.79
N VAL A 215 23.05 22.68 2.53
CA VAL A 215 22.80 24.02 1.99
C VAL A 215 21.31 24.24 1.90
N ASN A 216 20.85 25.27 2.62
CA ASN A 216 19.43 25.59 2.76
C ASN A 216 19.01 26.89 2.05
N LYS A 217 19.93 27.85 1.90
CA LYS A 217 19.64 29.17 1.29
C LYS A 217 19.85 29.21 -0.25
N PRO A 218 18.76 29.42 -1.02
CA PRO A 218 18.82 29.39 -2.50
C PRO A 218 19.93 30.21 -3.14
N GLN A 219 20.25 31.38 -2.59
CA GLN A 219 21.29 32.21 -3.22
C GLN A 219 22.64 31.45 -3.16
N HIS A 220 22.92 30.83 -2.00
CA HIS A 220 24.14 30.05 -1.82
C HIS A 220 24.08 28.68 -2.54
N ALA A 221 22.88 28.13 -2.74
CA ALA A 221 22.76 26.93 -3.57
C ALA A 221 23.15 27.27 -5.00
N ALA A 222 22.51 28.32 -5.52
CA ALA A 222 22.77 28.81 -6.86
C ALA A 222 24.25 29.08 -7.07
N GLU A 223 24.82 29.89 -6.20
CA GLU A 223 26.24 30.22 -6.30
C GLU A 223 27.07 28.95 -6.48
N LEU A 224 26.92 28.02 -5.53
CA LEU A 224 27.66 26.75 -5.55
C LEU A 224 27.46 25.99 -6.86
N LEU A 225 26.24 25.94 -7.35
CA LEU A 225 26.00 25.33 -8.65
C LEU A 225 26.75 26.04 -9.77
N ARG A 226 26.80 27.37 -9.74
CA ARG A 226 27.55 28.14 -10.77
C ARG A 226 29.05 27.92 -10.68
N TRP A 227 29.58 27.71 -9.49
CA TRP A 227 30.99 27.39 -9.37
C TRP A 227 31.32 26.07 -10.08
N GLY A 228 30.40 25.11 -10.01
CA GLY A 228 30.60 23.81 -10.63
C GLY A 228 30.21 22.60 -9.79
N VAL A 229 29.80 22.83 -8.54
CA VAL A 229 29.33 21.74 -7.70
C VAL A 229 28.26 20.93 -8.45
N ASP A 230 28.24 19.62 -8.21
CA ASP A 230 27.30 18.71 -8.85
C ASP A 230 26.09 18.32 -7.98
N CYS A 231 26.23 18.26 -6.66
CA CYS A 231 25.03 18.06 -5.82
C CYS A 231 24.97 18.97 -4.64
N ILE A 232 23.78 19.46 -4.39
CA ILE A 232 23.52 20.20 -3.20
C ILE A 232 22.68 19.27 -2.36
N CYS A 233 23.25 18.87 -1.22
CA CYS A 233 22.50 18.12 -0.22
C CYS A 233 21.79 19.14 0.65
N THR A 234 20.46 19.12 0.65
CA THR A 234 19.70 20.13 1.42
C THR A 234 18.69 19.64 2.45
N ASP A 235 18.50 20.46 3.49
CA ASP A 235 17.47 20.19 4.49
C ASP A 235 16.16 20.85 4.09
N ALA A 236 16.24 21.94 3.32
CA ALA A 236 15.08 22.72 2.90
C ALA A 236 14.46 22.19 1.63
N ILE A 237 13.96 20.96 1.66
CA ILE A 237 13.50 20.30 0.44
C ILE A 237 12.27 20.97 -0.17
N ASP A 238 11.64 21.87 0.58
CA ASP A 238 10.49 22.63 0.11
C ASP A 238 10.93 23.84 -0.72
N VAL A 239 12.03 24.46 -0.34
CA VAL A 239 12.48 25.67 -0.98
C VAL A 239 13.52 25.42 -2.04
N ILE A 240 14.48 24.52 -1.80
CA ILE A 240 15.43 24.15 -2.85
C ILE A 240 14.69 23.36 -3.92
N GLY A 241 14.42 22.08 -3.77
CA GLY A 241 13.42 21.50 -4.73
C GLY A 241 14.02 20.93 -6.00
N PRO A 242 13.44 19.84 -6.50
CA PRO A 242 14.25 18.93 -7.30
C PRO A 242 14.77 19.56 -8.56
N ASN A 243 14.09 20.58 -9.09
CA ASN A 243 14.52 21.24 -10.34
C ASN A 243 15.21 22.59 -10.15
N PHE A 244 15.80 22.81 -8.99
CA PHE A 244 16.55 24.03 -8.77
C PHE A 244 17.73 24.22 -9.76
N THR A 245 18.02 25.48 -10.10
CA THR A 245 19.17 25.88 -10.97
C THR A 245 19.59 27.33 -10.69
N ALA A 246 20.82 27.68 -11.09
CA ALA A 246 21.40 29.02 -10.79
C ALA A 246 20.98 30.07 -11.80
N SER B 2 17.81 -33.67 -5.04
CA SER B 2 17.64 -34.49 -6.28
C SER B 2 18.94 -34.50 -7.07
N ASN B 3 19.52 -33.32 -7.29
CA ASN B 3 20.89 -33.21 -7.80
C ASN B 3 21.86 -33.08 -6.61
N TRP B 4 22.73 -34.08 -6.48
CA TRP B 4 23.45 -34.37 -5.23
C TRP B 4 24.90 -34.78 -5.53
N PRO B 5 25.74 -33.79 -5.91
CA PRO B 5 27.14 -34.09 -6.26
C PRO B 5 27.99 -34.60 -5.10
N TYR B 6 27.49 -34.49 -3.88
CA TYR B 6 28.29 -34.70 -2.68
C TYR B 6 28.48 -36.19 -2.34
N PRO B 7 29.74 -36.61 -2.17
CA PRO B 7 30.23 -37.96 -1.83
C PRO B 7 29.62 -38.70 -0.65
N ARG B 8 30.22 -39.83 -0.33
CA ARG B 8 29.67 -40.77 0.62
C ARG B 8 30.35 -40.65 1.95
N ILE B 9 31.66 -40.39 1.91
CA ILE B 9 32.44 -40.14 3.11
C ILE B 9 32.86 -38.67 3.11
N VAL B 10 32.71 -38.02 4.26
CA VAL B 10 33.21 -36.66 4.45
C VAL B 10 34.24 -36.61 5.57
N ALA B 11 35.32 -35.87 5.29
CA ALA B 11 36.43 -35.66 6.24
C ALA B 11 36.10 -34.53 7.23
N HIS B 12 36.05 -34.89 8.50
CA HIS B 12 35.60 -34.03 9.59
C HIS B 12 36.69 -33.05 10.01
N ARG B 13 36.41 -31.76 9.81
CA ARG B 13 37.32 -30.70 10.17
C ARG B 13 38.66 -30.90 9.50
N GLY B 14 38.60 -31.15 8.19
CA GLY B 14 39.80 -31.33 7.37
C GLY B 14 40.49 -32.69 7.41
N GLY B 15 41.02 -33.09 8.56
CA GLY B 15 41.87 -34.28 8.59
C GLY B 15 41.54 -35.24 9.70
N GLY B 16 40.26 -35.25 10.08
CA GLY B 16 39.80 -36.12 11.14
C GLY B 16 40.55 -35.75 12.39
N LYS B 17 40.94 -36.75 13.17
CA LYS B 17 41.82 -36.53 14.30
C LYS B 17 43.24 -37.02 13.99
N LEU B 18 43.57 -37.04 12.69
CA LEU B 18 44.95 -37.34 12.25
C LEU B 18 45.84 -36.09 12.14
N ALA B 19 45.27 -34.93 12.41
CA ALA B 19 45.95 -33.66 12.22
C ALA B 19 45.13 -32.57 12.90
N PRO B 20 45.78 -31.47 13.30
CA PRO B 20 45.03 -30.43 14.03
C PRO B 20 43.79 -29.97 13.27
N GLU B 21 42.64 -30.19 13.86
CA GLU B 21 41.39 -29.85 13.22
C GLU B 21 41.36 -28.41 12.65
N ASN B 22 40.63 -28.25 11.55
CA ASN B 22 40.31 -26.94 10.98
C ASN B 22 41.53 -26.12 10.54
N THR B 23 42.41 -26.78 9.82
CA THR B 23 43.66 -26.22 9.42
C THR B 23 43.93 -26.56 7.95
N LEU B 24 44.70 -25.72 7.26
CA LEU B 24 45.18 -26.08 5.91
C LEU B 24 45.95 -27.40 5.93
N ALA B 25 46.84 -27.55 6.90
CA ALA B 25 47.60 -28.78 7.06
C ALA B 25 46.68 -29.99 7.14
N ALA B 26 45.60 -29.89 7.91
CA ALA B 26 44.68 -31.02 8.11
C ALA B 26 43.94 -31.35 6.83
N ILE B 27 43.53 -30.34 6.08
CA ILE B 27 42.94 -30.59 4.78
C ILE B 27 43.93 -31.35 3.93
N ASP B 28 45.20 -30.96 3.94
CA ASP B 28 46.17 -31.66 3.11
C ASP B 28 46.22 -33.14 3.51
N VAL B 29 46.09 -33.44 4.80
CA VAL B 29 46.16 -34.84 5.24
C VAL B 29 44.91 -35.60 4.76
N GLY B 30 43.79 -34.91 4.72
CA GLY B 30 42.58 -35.44 4.10
C GLY B 30 42.89 -35.89 2.69
N ALA B 31 43.49 -34.98 1.92
CA ALA B 31 43.89 -35.26 0.56
C ALA B 31 44.88 -36.41 0.48
N LYS B 32 45.77 -36.55 1.45
CA LYS B 32 46.73 -37.67 1.42
C LYS B 32 46.01 -39.04 1.45
N TYR B 33 44.83 -39.10 2.07
CA TYR B 33 44.05 -40.33 2.13
C TYR B 33 42.94 -40.33 1.07
N GLY B 34 43.09 -39.49 0.05
CA GLY B 34 42.22 -39.55 -1.14
C GLY B 34 40.86 -38.92 -1.06
N HIS B 35 40.45 -38.41 0.10
CA HIS B 35 39.05 -38.02 0.28
C HIS B 35 38.63 -36.91 -0.67
N LYS B 36 37.37 -36.97 -1.11
CA LYS B 36 36.82 -36.04 -2.11
C LYS B 36 35.92 -34.95 -1.48
N ILE B 38 35.49 -32.53 2.34
CA ILE B 38 35.82 -32.11 3.70
C ILE B 38 34.69 -31.26 4.30
N GLU B 39 34.58 -31.35 5.62
CA GLU B 39 33.76 -30.45 6.41
C GLU B 39 34.67 -29.66 7.32
N PHE B 40 34.29 -28.42 7.61
CA PHE B 40 35.06 -27.57 8.53
C PHE B 40 34.22 -26.44 9.10
N ASP B 41 34.60 -26.01 10.30
CA ASP B 41 33.83 -25.07 11.11
C ASP B 41 34.20 -23.60 10.82
N ALA B 42 33.30 -22.87 10.15
CA ALA B 42 33.51 -21.46 9.72
C ALA B 42 32.83 -20.42 10.62
N LYS B 43 33.38 -19.21 10.60
CA LYS B 43 33.23 -18.25 11.72
C LYS B 43 33.79 -16.88 11.37
N LEU B 44 33.45 -15.89 12.20
CA LEU B 44 33.70 -14.49 11.89
C LEU B 44 34.66 -13.81 12.89
N SER B 45 35.65 -13.10 12.38
CA SER B 45 36.47 -12.19 13.21
C SER B 45 35.71 -10.88 13.50
N LYS B 46 36.18 -10.13 14.48
CA LYS B 46 35.55 -8.88 14.90
C LYS B 46 35.27 -7.93 13.73
N ASP B 47 36.17 -7.90 12.76
CA ASP B 47 36.04 -7.06 11.54
C ASP B 47 35.54 -7.83 10.29
N GLY B 48 34.80 -8.91 10.55
CA GLY B 48 34.09 -9.62 9.50
C GLY B 48 34.95 -10.31 8.47
N GLU B 49 36.10 -10.82 8.90
CA GLU B 49 36.84 -11.78 8.09
C GLU B 49 36.32 -13.17 8.46
N ILE B 50 36.30 -14.07 7.48
CA ILE B 50 35.82 -15.42 7.73
C ILE B 50 36.96 -16.42 7.80
N PHE B 51 37.10 -17.03 8.97
CA PHE B 51 38.20 -17.96 9.24
C PHE B 51 37.61 -19.22 9.87
N LEU B 52 38.45 -20.22 10.16
CA LEU B 52 37.98 -21.49 10.70
C LEU B 52 38.37 -21.76 12.14
N LEU B 53 37.39 -22.06 12.98
CA LEU B 53 37.67 -22.50 14.34
C LEU B 53 36.36 -23.02 14.89
N HIS B 54 36.37 -24.18 15.50
CA HIS B 54 35.17 -24.73 16.04
C HIS B 54 34.71 -23.99 17.28
N ASP B 55 35.32 -24.26 18.41
CA ASP B 55 35.03 -23.51 19.61
C ASP B 55 34.85 -22.03 19.47
N ASP B 56 34.44 -21.40 20.57
CA ASP B 56 34.17 -19.98 20.62
C ASP B 56 35.45 -19.32 21.04
N ASN B 57 36.18 -20.02 21.90
CA ASN B 57 37.48 -19.62 22.41
C ASN B 57 38.65 -20.35 21.75
N LEU B 58 39.86 -19.93 22.07
CA LEU B 58 41.06 -20.32 21.36
C LEU B 58 41.81 -21.44 22.05
N GLU B 59 41.48 -21.73 23.30
CA GLU B 59 42.40 -22.49 24.19
C GLU B 59 42.60 -23.95 23.83
N ARG B 60 41.55 -24.59 23.32
CA ARG B 60 41.63 -26.02 23.04
C ARG B 60 42.55 -26.27 21.88
N THR B 61 42.31 -25.57 20.77
CA THR B 61 43.04 -25.84 19.55
C THR B 61 44.11 -24.80 19.19
N SER B 62 44.69 -24.14 20.19
CA SER B 62 45.74 -23.17 19.91
C SER B 62 46.51 -22.73 21.16
N ASN B 63 47.37 -21.76 20.97
CA ASN B 63 48.22 -21.23 22.03
C ASN B 63 47.69 -19.85 22.42
N GLY B 64 46.44 -19.60 22.08
CA GLY B 64 45.81 -18.35 22.42
C GLY B 64 44.77 -18.56 23.49
N TRP B 65 44.13 -17.47 23.90
CA TRP B 65 43.08 -17.55 24.90
C TRP B 65 42.07 -16.50 24.57
N GLY B 66 40.87 -16.63 25.13
CA GLY B 66 39.80 -15.67 24.89
C GLY B 66 38.94 -16.03 23.69
N VAL B 67 38.12 -15.08 23.27
CA VAL B 67 37.07 -15.32 22.31
C VAL B 67 37.50 -14.83 20.92
N ALA B 68 37.85 -15.78 20.05
CA ALA B 68 38.45 -15.44 18.77
C ALA B 68 37.70 -14.32 18.07
N GLY B 69 36.37 -14.36 18.07
CA GLY B 69 35.53 -13.39 17.33
C GLY B 69 35.57 -11.98 17.89
N GLU B 70 36.10 -11.85 19.11
CA GLU B 70 36.28 -10.55 19.70
C GLU B 70 37.57 -9.83 19.27
N LEU B 71 38.49 -10.55 18.63
CA LEU B 71 39.75 -9.97 18.16
C LEU B 71 39.71 -9.72 16.67
N ASN B 72 40.51 -8.79 16.19
CA ASN B 72 40.59 -8.55 14.74
C ASN B 72 41.54 -9.51 14.07
N TRP B 73 41.28 -9.71 12.78
CA TRP B 73 41.92 -10.76 12.03
C TRP B 73 43.41 -10.71 12.19
N GLN B 74 43.94 -9.52 12.03
CA GLN B 74 45.34 -9.27 12.24
C GLN B 74 45.93 -9.79 13.58
N ASP B 75 45.15 -9.78 14.66
CA ASP B 75 45.64 -10.37 15.91
C ASP B 75 45.53 -11.88 15.80
N LEU B 76 44.48 -12.35 15.12
CA LEU B 76 44.29 -13.78 14.92
C LEU B 76 45.38 -14.41 14.04
N LEU B 77 45.85 -13.66 13.05
CA LEU B 77 46.97 -14.04 12.15
C LEU B 77 48.21 -14.57 12.88
N ARG B 78 48.48 -14.09 14.11
CA ARG B 78 49.66 -14.53 14.88
C ARG B 78 49.49 -15.85 15.66
N VAL B 79 48.27 -16.35 15.77
CA VAL B 79 48.00 -17.56 16.56
C VAL B 79 48.56 -18.81 15.89
N ASP B 80 49.00 -19.74 16.74
CA ASP B 80 49.48 -21.08 16.35
C ASP B 80 48.42 -22.16 16.68
N ALA B 81 47.67 -22.54 15.65
CA ALA B 81 46.62 -23.54 15.75
C ALA B 81 47.07 -24.99 15.46
N GLY B 82 48.33 -25.30 15.74
CA GLY B 82 48.88 -26.62 15.36
C GLY B 82 49.73 -27.32 16.39
N SER B 83 50.59 -26.59 17.10
CA SER B 83 51.47 -27.20 18.12
C SER B 83 50.74 -28.07 19.13
N TRP B 84 49.53 -27.68 19.50
CA TRP B 84 48.77 -28.46 20.45
C TRP B 84 48.59 -29.93 20.01
N TYR B 85 48.37 -30.16 18.72
CA TYR B 85 48.22 -31.51 18.20
C TYR B 85 49.52 -32.25 18.32
N SER B 86 50.58 -31.69 17.77
CA SER B 86 51.89 -32.37 17.81
C SER B 86 52.95 -31.41 17.37
N LYS B 87 54.18 -31.73 17.76
CA LYS B 87 55.29 -30.83 17.51
C LYS B 87 55.48 -30.58 16.00
N ALA B 88 55.14 -31.54 15.16
CA ALA B 88 55.28 -31.39 13.72
C ALA B 88 54.44 -30.28 13.11
N PHE B 89 53.44 -29.80 13.82
CA PHE B 89 52.59 -28.76 13.27
C PHE B 89 52.82 -27.36 13.85
N LYS B 90 54.04 -27.06 14.24
CA LYS B 90 54.44 -25.74 14.77
C LYS B 90 53.94 -24.50 14.01
N GLY B 91 54.18 -24.49 12.71
CA GLY B 91 53.67 -23.33 11.94
C GLY B 91 52.24 -22.83 12.20
N GLU B 92 51.32 -23.75 12.48
CA GLU B 92 50.09 -23.76 11.72
C GLU B 92 49.11 -22.64 12.02
N PRO B 93 48.68 -21.90 10.97
CA PRO B 93 47.77 -20.78 11.17
C PRO B 93 46.32 -21.15 11.26
N LEU B 94 45.53 -20.27 11.88
CA LEU B 94 44.10 -20.19 11.62
C LEU B 94 43.93 -19.76 10.15
N PRO B 95 43.17 -20.53 9.35
CA PRO B 95 42.95 -20.17 7.94
C PRO B 95 41.68 -19.38 7.64
N LEU B 96 41.76 -18.51 6.63
CA LEU B 96 40.59 -17.83 6.06
C LEU B 96 39.87 -18.73 5.09
N LEU B 97 38.54 -18.62 5.04
CA LEU B 97 37.72 -19.37 4.05
C LEU B 97 38.34 -19.33 2.64
N SER B 98 38.78 -18.14 2.20
CA SER B 98 39.36 -17.98 0.85
C SER B 98 40.52 -18.96 0.60
N GLN B 99 41.35 -19.13 1.63
CA GLN B 99 42.46 -20.07 1.56
C GLN B 99 41.93 -21.50 1.52
N VAL B 100 40.87 -21.76 2.26
CA VAL B 100 40.27 -23.10 2.24
C VAL B 100 39.72 -23.43 0.83
N ALA B 101 38.96 -22.50 0.26
CA ALA B 101 38.43 -22.64 -1.10
C ALA B 101 39.52 -23.03 -2.09
N GLU B 102 40.64 -22.31 -2.06
CA GLU B 102 41.75 -22.57 -2.99
C GLU B 102 42.44 -23.91 -2.76
N ARG B 103 42.28 -24.47 -1.56
CA ARG B 103 42.80 -25.81 -1.27
C ARG B 103 41.91 -26.84 -1.92
N CYS B 104 40.62 -26.69 -1.73
CA CYS B 104 39.63 -27.56 -2.33
C CYS B 104 39.81 -27.64 -3.84
N ARG B 105 39.97 -26.49 -4.48
CA ARG B 105 40.32 -26.45 -5.90
C ARG B 105 41.61 -27.26 -6.20
N GLU B 106 42.72 -26.89 -5.56
CA GLU B 106 43.98 -27.59 -5.74
C GLU B 106 43.87 -29.10 -5.58
N HIS B 107 42.89 -29.55 -4.80
CA HIS B 107 42.83 -30.96 -4.39
C HIS B 107 41.61 -31.71 -4.90
N GLY B 108 40.80 -31.06 -5.75
CA GLY B 108 39.59 -31.68 -6.28
C GLY B 108 38.55 -32.06 -5.23
N ALA B 111 33.06 -29.27 -0.35
CA ALA B 111 33.08 -28.72 0.98
C ALA B 111 31.69 -28.64 1.63
N ASN B 112 31.60 -29.23 2.83
CA ASN B 112 30.55 -28.92 3.78
C ASN B 112 31.03 -27.81 4.76
N ILE B 113 30.62 -26.56 4.49
CA ILE B 113 30.93 -25.40 5.37
C ILE B 113 29.96 -25.34 6.54
N GLU B 114 30.25 -26.01 7.66
CA GLU B 114 29.40 -25.86 8.83
C GLU B 114 29.55 -24.46 9.38
N ILE B 115 28.46 -23.67 9.37
CA ILE B 115 28.44 -22.35 10.03
C ILE B 115 28.32 -22.59 11.55
N LYS B 116 29.32 -22.12 12.29
CA LYS B 116 29.46 -22.39 13.71
C LYS B 116 29.87 -21.10 14.41
N PRO B 117 28.93 -20.12 14.48
CA PRO B 117 29.38 -18.78 14.88
C PRO B 117 29.68 -18.60 16.36
N THR B 118 30.27 -17.44 16.61
CA THR B 118 30.45 -16.91 17.94
C THR B 118 28.99 -16.71 18.43
N THR B 119 28.66 -17.19 19.64
CA THR B 119 27.32 -16.99 20.20
C THR B 119 26.86 -15.52 20.06
N GLY B 120 25.63 -15.33 19.62
CA GLY B 120 25.10 -13.99 19.45
C GLY B 120 25.42 -13.36 18.11
N THR B 121 26.18 -14.05 17.26
CA THR B 121 26.50 -13.52 15.94
C THR B 121 25.78 -14.22 14.77
N GLY B 122 24.99 -15.25 15.11
CA GLY B 122 24.21 -16.02 14.13
C GLY B 122 23.89 -15.30 12.81
N PRO B 123 23.10 -14.23 12.87
CA PRO B 123 22.62 -13.60 11.62
C PRO B 123 23.66 -12.87 10.77
N LEU B 124 24.75 -12.40 11.39
CA LEU B 124 25.85 -11.78 10.67
C LEU B 124 26.73 -12.87 10.06
N THR B 125 26.82 -13.99 10.76
CA THR B 125 27.64 -15.10 10.31
C THR B 125 27.04 -15.68 9.03
N GLY B 126 25.79 -16.14 9.11
CA GLY B 126 25.09 -16.66 7.93
C GLY B 126 25.23 -15.73 6.75
N LYS B 127 24.81 -14.49 6.95
CA LYS B 127 24.83 -13.46 5.91
C LYS B 127 26.24 -13.36 5.26
N VAL B 129 29.08 -15.55 5.65
CA VAL B 129 29.54 -16.83 5.15
C VAL B 129 28.87 -17.13 3.83
N ALA B 130 27.58 -16.85 3.75
CA ALA B 130 26.83 -17.06 2.52
C ALA B 130 27.46 -16.32 1.34
N LEU B 131 27.59 -14.99 1.44
CA LEU B 131 28.12 -14.19 0.32
C LEU B 131 29.59 -14.51 0.02
N ALA B 132 30.36 -14.80 1.06
CA ALA B 132 31.75 -15.22 0.91
C ALA B 132 31.80 -16.55 0.16
N ALA B 133 30.96 -17.50 0.57
CA ALA B 133 30.89 -18.82 -0.08
C ALA B 133 30.60 -18.64 -1.57
N ARG B 134 29.55 -17.88 -1.90
CA ARG B 134 29.23 -17.51 -3.28
C ARG B 134 30.46 -17.00 -4.03
N GLN B 135 30.94 -15.82 -3.64
CA GLN B 135 32.01 -15.15 -4.38
C GLN B 135 33.24 -16.05 -4.54
N LEU B 136 33.47 -16.95 -3.58
CA LEU B 136 34.67 -17.83 -3.56
C LEU B 136 34.54 -19.18 -4.25
N TRP B 137 33.34 -19.75 -4.31
CA TRP B 137 33.09 -20.96 -5.09
C TRP B 137 32.45 -20.64 -6.47
N ALA B 138 32.81 -19.49 -7.04
CA ALA B 138 32.39 -19.10 -8.37
C ALA B 138 33.11 -20.00 -9.37
N GLY B 139 32.35 -20.67 -10.24
CA GLY B 139 32.87 -21.66 -11.18
C GLY B 139 33.25 -23.01 -10.58
N THR B 141 31.60 -26.56 -7.93
CA THR B 141 30.48 -27.22 -7.28
C THR B 141 30.05 -26.43 -6.07
N PRO B 142 28.83 -25.87 -6.09
CA PRO B 142 28.31 -25.23 -4.88
C PRO B 142 28.66 -26.02 -3.60
N PRO B 143 29.11 -25.32 -2.54
CA PRO B 143 29.37 -25.94 -1.23
C PRO B 143 28.13 -26.11 -0.36
N LEU B 144 28.14 -27.15 0.48
CA LEU B 144 27.00 -27.46 1.34
C LEU B 144 27.05 -26.78 2.71
N LEU B 145 26.24 -25.74 2.91
CA LEU B 145 26.17 -25.05 4.18
C LEU B 145 25.34 -25.84 5.19
N SER B 146 25.86 -25.98 6.40
CA SER B 146 25.08 -26.50 7.52
C SER B 146 25.10 -25.54 8.70
N SER B 147 24.52 -25.97 9.82
CA SER B 147 24.70 -25.27 11.09
C SER B 147 23.71 -25.77 12.13
N PHE B 148 23.94 -25.40 13.39
CA PHE B 148 22.99 -25.68 14.46
C PHE B 148 22.13 -24.47 14.77
N GLU B 149 22.23 -23.44 13.93
CA GLU B 149 21.68 -22.13 14.24
C GLU B 149 20.83 -21.59 13.10
N ILE B 150 19.51 -21.68 13.26
CA ILE B 150 18.58 -21.25 12.22
C ILE B 150 18.70 -19.75 11.96
N ASP B 151 19.17 -19.02 12.97
CA ASP B 151 19.82 -17.74 12.74
C ASP B 151 20.44 -17.67 11.34
N ALA B 152 21.45 -18.50 11.10
CA ALA B 152 22.33 -18.32 9.95
C ALA B 152 21.73 -18.95 8.70
N LEU B 153 21.16 -20.15 8.85
CA LEU B 153 20.37 -20.75 7.79
C LEU B 153 19.38 -19.75 7.20
N GLU B 154 18.60 -19.11 8.07
CA GLU B 154 17.71 -18.04 7.65
C GLU B 154 18.41 -16.96 6.82
N ALA B 155 19.52 -16.41 7.35
CA ALA B 155 20.19 -15.29 6.68
C ALA B 155 20.91 -15.74 5.40
N ALA B 156 21.27 -17.02 5.35
CA ALA B 156 21.90 -17.64 4.17
C ALA B 156 20.89 -17.82 3.02
N GLN B 157 19.68 -18.24 3.39
CA GLN B 157 18.55 -18.26 2.47
C GLN B 157 18.39 -16.88 1.84
N GLN B 158 18.26 -15.84 2.67
CA GLN B 158 18.03 -14.47 2.18
C GLN B 158 19.21 -13.86 1.42
N ALA B 159 20.41 -14.39 1.65
CA ALA B 159 21.64 -13.81 1.10
C ALA B 159 22.15 -14.51 -0.18
N ALA B 160 22.20 -15.85 -0.14
CA ALA B 160 22.59 -16.65 -1.31
C ALA B 160 21.70 -17.88 -1.36
N PRO B 161 20.47 -17.69 -1.84
CA PRO B 161 19.45 -18.76 -1.79
C PRO B 161 19.81 -19.97 -2.66
N GLU B 162 20.50 -19.70 -3.76
CA GLU B 162 20.92 -20.74 -4.71
C GLU B 162 22.01 -21.66 -4.14
N LEU B 163 22.69 -21.21 -3.08
CA LEU B 163 23.57 -22.12 -2.33
C LEU B 163 22.69 -23.02 -1.44
N PRO B 164 22.96 -24.34 -1.45
CA PRO B 164 22.16 -25.31 -0.72
C PRO B 164 22.27 -25.13 0.77
N ARG B 165 21.51 -25.91 1.52
CA ARG B 165 21.43 -25.73 2.95
C ARG B 165 21.19 -27.06 3.64
N GLY B 166 21.68 -27.17 4.86
CA GLY B 166 21.55 -28.41 5.64
C GLY B 166 21.24 -28.07 7.07
N LEU B 167 20.62 -29.00 7.79
CA LEU B 167 20.22 -28.70 9.16
C LEU B 167 20.95 -29.57 10.15
N LEU B 168 22.02 -29.02 10.72
CA LEU B 168 22.70 -29.70 11.81
C LEU B 168 21.75 -29.83 13.00
N LEU B 169 21.85 -30.95 13.71
CA LEU B 169 20.99 -31.24 14.82
C LEU B 169 21.60 -32.33 15.67
N ASP B 170 21.79 -32.04 16.96
CA ASP B 170 22.34 -33.03 17.88
C ASP B 170 21.25 -33.80 18.64
N GLU B 171 20.05 -33.21 18.69
CA GLU B 171 18.86 -33.83 19.33
C GLU B 171 17.64 -33.70 18.38
N TRP B 172 16.76 -34.72 18.36
CA TRP B 172 15.57 -34.72 17.48
C TRP B 172 14.39 -33.91 18.05
N ARG B 173 13.81 -33.08 17.20
CA ARG B 173 12.56 -32.35 17.50
C ARG B 173 11.62 -32.40 16.27
N ASP B 174 10.35 -32.73 16.50
CA ASP B 174 9.48 -33.21 15.42
C ASP B 174 8.92 -32.14 14.47
N ASP B 175 9.17 -30.88 14.80
CA ASP B 175 8.85 -29.75 13.91
C ASP B 175 9.70 -29.75 12.65
N TRP B 176 10.80 -30.51 12.67
CA TRP B 176 11.77 -30.53 11.56
C TRP B 176 11.13 -30.50 10.18
N ARG B 177 9.99 -31.17 10.01
CA ARG B 177 9.31 -31.25 8.72
C ARG B 177 9.15 -29.86 8.11
N GLU B 178 8.49 -28.98 8.84
CA GLU B 178 8.25 -27.61 8.38
C GLU B 178 9.53 -26.76 8.48
N LEU B 179 10.37 -27.08 9.45
CA LEU B 179 11.64 -26.37 9.68
C LEU B 179 12.52 -26.50 8.45
N THR B 180 12.79 -27.75 8.07
CA THR B 180 13.55 -28.08 6.88
C THR B 180 12.84 -27.55 5.66
N ALA B 181 11.52 -27.68 5.64
CA ALA B 181 10.68 -27.15 4.56
C ALA B 181 10.74 -25.62 4.49
N ARG B 182 10.71 -24.96 5.64
CA ARG B 182 10.77 -23.49 5.70
C ARG B 182 12.15 -22.96 5.28
N LEU B 183 13.21 -23.69 5.67
CA LEU B 183 14.60 -23.32 5.37
C LEU B 183 15.10 -23.84 4.00
N GLY B 184 14.19 -23.91 3.01
CA GLY B 184 14.51 -24.28 1.62
C GLY B 184 15.61 -25.32 1.45
N CYS B 185 15.51 -26.40 2.20
CA CYS B 185 16.58 -27.40 2.29
C CYS B 185 16.96 -28.11 1.00
N VAL B 186 18.11 -28.79 1.07
CA VAL B 186 18.38 -29.98 0.26
C VAL B 186 18.78 -31.17 1.17
N SER B 187 18.96 -30.94 2.47
CA SER B 187 19.49 -31.99 3.36
C SER B 187 19.39 -31.68 4.84
N ILE B 188 19.44 -32.76 5.63
CA ILE B 188 19.47 -32.70 7.09
C ILE B 188 20.72 -33.43 7.55
N HIS B 189 21.36 -32.89 8.59
CA HIS B 189 22.63 -33.42 9.14
C HIS B 189 22.43 -33.73 10.61
N LEU B 190 22.75 -34.95 11.03
CA LEU B 190 22.26 -35.45 12.31
C LEU B 190 23.26 -36.28 13.08
N ASN B 191 23.18 -36.25 14.39
CA ASN B 191 24.01 -37.09 15.26
C ASN B 191 23.76 -38.58 14.99
N HIS B 192 24.78 -39.41 15.17
CA HIS B 192 24.69 -40.87 14.89
C HIS B 192 23.99 -41.66 16.00
N LYS B 193 24.18 -41.23 17.25
CA LYS B 193 23.57 -41.92 18.40
C LYS B 193 22.03 -42.02 18.32
N LEU B 194 21.44 -41.18 17.49
CA LEU B 194 19.99 -41.03 17.41
C LEU B 194 19.41 -41.47 16.05
N LEU B 195 19.80 -42.66 15.58
CA LEU B 195 19.26 -43.17 14.30
C LEU B 195 18.93 -44.67 14.22
N ASP B 196 17.93 -44.96 13.40
CA ASP B 196 17.46 -46.30 13.03
C ASP B 196 16.81 -46.19 11.64
N LYS B 197 16.32 -47.31 11.12
CA LYS B 197 15.58 -47.28 9.83
C LYS B 197 14.22 -46.58 9.96
N ALA B 198 13.62 -46.65 11.15
CA ALA B 198 12.36 -45.98 11.44
C ALA B 198 12.48 -44.46 11.34
N ARG B 199 13.67 -43.91 11.55
CA ARG B 199 13.88 -42.48 11.38
C ARG B 199 14.46 -42.15 9.98
N VAL B 200 15.18 -43.10 9.39
CA VAL B 200 15.70 -42.94 8.02
C VAL B 200 14.57 -42.91 7.00
N GLN B 202 11.64 -41.94 6.72
CA GLN B 202 10.72 -40.81 6.58
C GLN B 202 11.39 -39.58 5.99
N LEU B 203 12.69 -39.43 6.21
CA LEU B 203 13.45 -38.29 5.70
C LEU B 203 13.72 -38.48 4.21
N LYS B 204 14.11 -39.71 3.84
CA LYS B 204 14.21 -40.08 2.42
C LYS B 204 12.86 -39.86 1.76
N ASP B 205 11.79 -40.17 2.51
CA ASP B 205 10.40 -39.87 2.11
C ASP B 205 10.14 -38.36 1.90
N ALA B 206 10.55 -37.53 2.87
CA ALA B 206 10.32 -36.07 2.81
C ALA B 206 11.04 -35.39 1.62
N GLY B 207 11.91 -36.15 0.95
CA GLY B 207 12.72 -35.65 -0.16
C GLY B 207 13.99 -34.96 0.31
N LEU B 208 14.61 -35.50 1.36
CA LEU B 208 15.79 -34.91 2.01
C LEU B 208 16.95 -35.89 2.05
N ARG B 209 18.17 -35.38 1.99
CA ARG B 209 19.38 -36.21 2.14
C ARG B 209 19.93 -36.18 3.57
N ILE B 210 20.64 -37.24 3.94
CA ILE B 210 21.04 -37.48 5.31
C ILE B 210 22.56 -37.53 5.47
N LEU B 211 23.06 -36.91 6.55
CA LEU B 211 24.45 -37.02 7.00
C LEU B 211 24.47 -37.51 8.45
N VAL B 212 25.52 -38.19 8.85
CA VAL B 212 25.66 -38.65 10.22
C VAL B 212 27.01 -38.19 10.78
N TYR B 213 27.23 -38.30 12.10
CA TYR B 213 28.54 -38.01 12.74
C TYR B 213 28.56 -38.41 14.22
N THR B 214 29.73 -38.62 14.81
CA THR B 214 31.01 -38.65 14.12
C THR B 214 31.33 -40.12 13.95
N VAL B 215 31.27 -40.59 12.71
CA VAL B 215 31.25 -42.03 12.43
C VAL B 215 32.67 -42.56 12.25
N ASN B 216 33.15 -43.36 13.21
CA ASN B 216 34.55 -43.82 13.20
C ASN B 216 34.78 -45.32 13.03
N LYS B 217 33.84 -46.15 13.50
CA LYS B 217 33.96 -47.62 13.36
C LYS B 217 33.34 -48.13 12.04
N PRO B 218 33.90 -49.22 11.47
CA PRO B 218 33.57 -49.58 10.08
C PRO B 218 32.11 -50.07 9.86
N GLN B 219 31.76 -51.18 10.50
CA GLN B 219 30.42 -51.80 10.30
C GLN B 219 29.27 -50.88 10.72
N HIS B 220 29.53 -50.01 11.69
CA HIS B 220 28.59 -48.95 12.05
C HIS B 220 28.18 -48.13 10.83
N ALA B 221 29.16 -47.85 9.96
CA ALA B 221 28.96 -46.99 8.80
C ALA B 221 28.28 -47.71 7.64
N ALA B 222 28.82 -48.87 7.28
CA ALA B 222 28.22 -49.70 6.23
C ALA B 222 26.73 -49.85 6.49
N GLU B 223 26.42 -50.31 7.71
CA GLU B 223 25.05 -50.41 8.22
C GLU B 223 24.18 -49.20 7.90
N LEU B 224 24.73 -48.03 8.23
CA LEU B 224 24.04 -46.74 8.04
C LEU B 224 23.97 -46.31 6.57
N LEU B 225 24.94 -46.73 5.77
CA LEU B 225 24.92 -46.47 4.32
C LEU B 225 23.82 -47.28 3.63
N ARG B 226 23.71 -48.56 4.01
CA ARG B 226 22.68 -49.47 3.48
C ARG B 226 21.26 -49.03 3.81
N TRP B 227 21.07 -48.27 4.89
CA TRP B 227 19.75 -47.72 5.24
C TRP B 227 19.44 -46.47 4.43
N GLY B 228 20.32 -46.09 3.51
CA GLY B 228 20.11 -44.93 2.67
C GLY B 228 20.63 -43.63 3.26
N VAL B 229 21.64 -43.71 4.14
CA VAL B 229 22.34 -42.50 4.59
C VAL B 229 23.27 -42.09 3.46
N ASP B 230 23.00 -40.91 2.90
CA ASP B 230 23.73 -40.41 1.72
C ASP B 230 25.15 -39.94 2.02
N CYS B 231 25.56 -39.98 3.30
CA CYS B 231 26.82 -39.38 3.71
C CYS B 231 27.27 -39.73 5.13
N ILE B 232 28.55 -40.05 5.30
CA ILE B 232 29.11 -40.36 6.63
C ILE B 232 30.34 -39.52 6.91
N CYS B 233 30.25 -38.67 7.93
CA CYS B 233 31.36 -37.80 8.31
C CYS B 233 32.19 -38.48 9.42
N THR B 234 33.51 -38.54 9.23
CA THR B 234 34.36 -39.38 10.06
C THR B 234 35.63 -38.71 10.58
N ASP B 235 36.17 -39.24 11.67
CA ASP B 235 37.46 -38.79 12.23
C ASP B 235 38.59 -39.77 11.93
N ALA B 236 38.27 -41.05 11.75
CA ALA B 236 39.26 -42.06 11.38
C ALA B 236 39.28 -42.21 9.87
N ILE B 237 39.48 -41.09 9.17
CA ILE B 237 39.60 -41.03 7.71
C ILE B 237 40.62 -42.03 7.12
N ASP B 238 41.50 -42.59 7.96
CA ASP B 238 42.37 -43.68 7.53
C ASP B 238 41.65 -45.03 7.47
N VAL B 239 40.83 -45.31 8.47
CA VAL B 239 40.15 -46.60 8.57
C VAL B 239 38.93 -46.65 7.66
N ILE B 240 38.40 -45.48 7.30
CA ILE B 240 37.06 -45.37 6.75
C ILE B 240 37.10 -45.18 5.24
N GLY B 241 37.62 -44.03 4.81
CA GLY B 241 38.18 -43.90 3.49
C GLY B 241 37.15 -43.58 2.43
N PRO B 242 37.61 -43.07 1.29
CA PRO B 242 36.72 -42.40 0.33
C PRO B 242 35.73 -43.30 -0.42
N ASN B 243 36.02 -44.60 -0.50
CA ASN B 243 35.18 -45.56 -1.26
C ASN B 243 34.70 -46.72 -0.39
N PHE B 244 34.45 -46.42 0.89
CA PHE B 244 33.93 -47.38 1.84
C PHE B 244 32.47 -47.61 1.46
N THR B 245 32.07 -48.88 1.43
CA THR B 245 30.66 -49.26 1.24
C THR B 245 30.32 -50.60 1.89
N ALA B 246 29.02 -50.88 1.91
CA ALA B 246 28.45 -52.08 2.50
C ALA B 246 27.91 -53.02 1.41
N SER C 2 -24.57 -9.70 -25.15
CA SER C 2 -25.12 -10.58 -26.24
C SER C 2 -26.67 -10.76 -26.15
N ASN C 3 -27.14 -11.31 -25.01
CA ASN C 3 -28.54 -11.78 -24.87
C ASN C 3 -29.51 -10.58 -24.69
N TRP C 4 -30.61 -10.67 -25.43
CA TRP C 4 -31.42 -9.54 -25.78
C TRP C 4 -32.85 -9.99 -25.60
N PRO C 5 -33.47 -9.62 -24.47
CA PRO C 5 -34.84 -9.99 -24.17
C PRO C 5 -35.91 -9.01 -24.67
N TYR C 6 -35.49 -7.87 -25.19
CA TYR C 6 -36.43 -6.79 -25.51
C TYR C 6 -37.23 -7.04 -26.79
N PRO C 7 -38.48 -6.58 -26.83
CA PRO C 7 -39.41 -6.61 -27.95
C PRO C 7 -39.07 -5.84 -29.16
N ARG C 8 -39.83 -6.15 -30.18
CA ARG C 8 -39.60 -5.61 -31.46
C ARG C 8 -40.14 -4.18 -31.48
N ILE C 9 -41.23 -3.92 -30.76
CA ILE C 9 -41.81 -2.58 -30.68
C ILE C 9 -41.80 -1.98 -29.26
N VAL C 10 -41.40 -0.70 -29.18
CA VAL C 10 -41.39 0.07 -27.96
C VAL C 10 -42.37 1.23 -28.08
N ALA C 11 -43.26 1.37 -27.12
CA ALA C 11 -44.19 2.50 -27.06
C ALA C 11 -43.41 3.77 -26.66
N HIS C 12 -43.38 4.76 -27.54
CA HIS C 12 -42.55 5.95 -27.26
C HIS C 12 -43.15 6.83 -26.15
N ARG C 13 -42.46 6.93 -25.03
CA ARG C 13 -42.91 7.73 -23.89
C ARG C 13 -44.18 7.24 -23.25
N GLY C 14 -44.36 5.93 -23.30
CA GLY C 14 -45.48 5.27 -22.63
C GLY C 14 -46.67 5.10 -23.52
N GLY C 15 -47.16 6.19 -24.08
CA GLY C 15 -48.42 6.15 -24.81
C GLY C 15 -48.35 6.68 -26.21
N GLY C 16 -47.14 6.82 -26.74
CA GLY C 16 -46.93 7.30 -28.11
C GLY C 16 -47.56 8.67 -28.17
N LYS C 17 -48.25 8.97 -29.25
CA LYS C 17 -48.94 10.24 -29.33
C LYS C 17 -50.43 10.12 -29.01
N LEU C 18 -50.85 9.01 -28.41
CA LEU C 18 -52.26 8.78 -28.06
C LEU C 18 -52.62 9.25 -26.66
N ALA C 19 -51.62 9.71 -25.91
CA ALA C 19 -51.80 10.16 -24.55
C ALA C 19 -50.64 11.08 -24.20
N PRO C 20 -50.80 11.93 -23.16
CA PRO C 20 -49.74 12.85 -22.80
C PRO C 20 -48.48 12.12 -22.39
N GLU C 21 -47.41 12.43 -23.10
CA GLU C 21 -46.16 11.74 -22.97
C GLU C 21 -45.70 11.66 -21.52
N ASN C 22 -44.92 10.62 -21.25
CA ASN C 22 -44.20 10.49 -20.00
C ASN C 22 -45.08 10.58 -18.80
N THR C 23 -46.14 9.81 -18.83
CA THR C 23 -47.13 9.86 -17.81
C THR C 23 -47.65 8.46 -17.52
N LEU C 24 -47.96 8.20 -16.26
CA LEU C 24 -48.65 6.96 -15.88
C LEU C 24 -49.84 6.69 -16.80
N ALA C 25 -50.72 7.68 -16.94
CA ALA C 25 -51.88 7.53 -17.83
C ALA C 25 -51.46 7.06 -19.22
N ALA C 26 -50.42 7.65 -19.79
CA ALA C 26 -49.97 7.26 -21.13
C ALA C 26 -49.44 5.84 -21.09
N ILE C 27 -48.79 5.45 -20.00
CA ILE C 27 -48.31 4.08 -19.83
C ILE C 27 -49.50 3.15 -19.83
N ASP C 28 -50.60 3.54 -19.19
CA ASP C 28 -51.78 2.71 -19.21
C ASP C 28 -52.34 2.51 -20.63
N VAL C 29 -52.48 3.61 -21.37
CA VAL C 29 -52.93 3.55 -22.79
C VAL C 29 -52.01 2.61 -23.63
N GLY C 30 -50.73 2.66 -23.29
CA GLY C 30 -49.76 1.81 -23.94
C GLY C 30 -50.11 0.36 -23.72
N ALA C 31 -50.53 0.04 -22.51
CA ALA C 31 -50.86 -1.33 -22.14
C ALA C 31 -52.19 -1.72 -22.74
N LYS C 32 -53.06 -0.73 -22.92
CA LYS C 32 -54.37 -0.99 -23.51
C LYS C 32 -54.28 -1.37 -25.00
N TYR C 33 -53.15 -1.11 -25.65
CA TYR C 33 -52.96 -1.50 -27.04
C TYR C 33 -52.03 -2.68 -27.17
N GLY C 34 -51.70 -3.29 -26.03
CA GLY C 34 -51.01 -4.57 -25.97
C GLY C 34 -49.50 -4.54 -25.92
N HIS C 35 -48.88 -3.39 -25.67
CA HIS C 35 -47.42 -3.29 -25.87
C HIS C 35 -46.69 -3.86 -24.70
N LYS C 36 -45.52 -4.43 -24.93
CA LYS C 36 -44.79 -5.18 -23.90
C LYS C 36 -43.53 -4.43 -23.45
N ILE C 38 -42.06 -0.12 -22.97
CA ILE C 38 -42.22 1.31 -23.09
C ILE C 38 -40.86 1.96 -22.95
N GLU C 39 -40.73 3.12 -23.60
CA GLU C 39 -39.60 4.01 -23.39
C GLU C 39 -40.10 5.27 -22.66
N PHE C 40 -39.22 5.88 -21.89
CA PHE C 40 -39.58 7.10 -21.17
C PHE C 40 -38.35 7.84 -20.70
N ASP C 41 -38.49 9.16 -20.59
CA ASP C 41 -37.37 10.08 -20.31
C ASP C 41 -37.28 10.43 -18.82
N ALA C 42 -36.16 10.11 -18.19
CA ALA C 42 -35.98 10.37 -16.76
C ALA C 42 -34.93 11.46 -16.45
N LYS C 43 -35.13 12.11 -15.28
CA LYS C 43 -34.49 13.38 -14.82
C LYS C 43 -34.51 13.54 -13.31
N LEU C 44 -33.72 14.48 -12.82
CA LEU C 44 -33.64 14.81 -11.38
C LEU C 44 -34.38 16.09 -10.98
N SER C 45 -35.07 16.04 -9.85
CA SER C 45 -35.46 17.26 -9.13
C SER C 45 -34.22 17.82 -8.40
N LYS C 46 -34.25 19.12 -8.10
CA LYS C 46 -33.19 19.78 -7.35
C LYS C 46 -32.81 18.99 -6.09
N ASP C 47 -33.81 18.47 -5.37
CA ASP C 47 -33.55 17.60 -4.19
C ASP C 47 -33.31 16.11 -4.52
N GLY C 48 -33.20 15.77 -5.80
CA GLY C 48 -32.73 14.45 -6.20
C GLY C 48 -33.76 13.32 -6.21
N GLU C 49 -34.97 13.62 -6.67
CA GLU C 49 -35.94 12.62 -6.93
C GLU C 49 -35.92 12.37 -8.44
N ILE C 50 -36.18 11.13 -8.84
CA ILE C 50 -36.22 10.79 -10.26
C ILE C 50 -37.65 10.74 -10.80
N PHE C 51 -37.94 11.65 -11.71
CA PHE C 51 -39.26 11.75 -12.31
C PHE C 51 -39.07 11.80 -13.81
N LEU C 52 -40.15 11.70 -14.57
CA LEU C 52 -40.03 11.70 -16.00
C LEU C 52 -40.44 13.07 -16.55
N LEU C 53 -39.66 13.54 -17.51
CA LEU C 53 -39.94 14.77 -18.25
C LEU C 53 -38.86 14.92 -19.29
N HIS C 54 -39.22 15.04 -20.56
CA HIS C 54 -38.25 15.15 -21.63
C HIS C 54 -37.45 16.43 -21.68
N ASP C 55 -38.13 17.56 -21.69
CA ASP C 55 -37.49 18.82 -21.98
C ASP C 55 -36.91 19.28 -20.69
N ASP C 56 -36.05 20.29 -20.76
CA ASP C 56 -35.60 21.00 -19.58
C ASP C 56 -36.71 21.72 -18.91
N ASN C 57 -37.65 22.20 -19.70
CA ASN C 57 -38.67 23.11 -19.22
C ASN C 57 -40.07 22.52 -19.18
N LEU C 58 -40.89 22.98 -18.24
CA LEU C 58 -42.23 22.45 -18.02
C LEU C 58 -43.26 22.85 -19.08
N GLU C 59 -43.06 23.99 -19.76
CA GLU C 59 -44.03 24.55 -20.74
C GLU C 59 -44.73 23.56 -21.64
N ARG C 60 -43.97 22.95 -22.55
CA ARG C 60 -44.53 22.11 -23.63
C ARG C 60 -45.52 21.09 -23.14
N THR C 61 -45.26 20.48 -21.98
CA THR C 61 -46.07 19.33 -21.53
C THR C 61 -46.70 19.54 -20.16
N SER C 62 -46.87 20.79 -19.76
CA SER C 62 -47.57 21.09 -18.51
C SER C 62 -48.10 22.52 -18.47
N ASN C 63 -48.81 22.82 -17.38
CA ASN C 63 -49.22 24.18 -17.07
C ASN C 63 -48.14 25.01 -16.35
N GLY C 64 -47.01 24.40 -16.01
CA GLY C 64 -45.92 25.12 -15.39
C GLY C 64 -44.93 25.70 -16.38
N TRP C 65 -43.90 26.36 -15.84
CA TRP C 65 -42.92 27.13 -16.62
C TRP C 65 -41.59 27.08 -15.95
N GLY C 66 -40.52 27.02 -16.74
CA GLY C 66 -39.17 27.02 -16.19
C GLY C 66 -38.52 25.67 -16.08
N VAL C 67 -37.25 25.69 -15.69
CA VAL C 67 -36.43 24.50 -15.67
C VAL C 67 -36.88 23.58 -14.55
N ALA C 68 -37.52 22.48 -14.93
CA ALA C 68 -38.03 21.54 -13.96
C ALA C 68 -36.99 21.16 -12.90
N GLY C 69 -35.76 20.91 -13.36
CA GLY C 69 -34.65 20.54 -12.47
C GLY C 69 -34.25 21.53 -11.37
N GLU C 70 -34.52 22.82 -11.59
CA GLU C 70 -34.29 23.86 -10.58
C GLU C 70 -35.34 23.83 -9.46
N LEU C 71 -36.43 23.08 -9.65
CA LEU C 71 -37.51 22.97 -8.61
C LEU C 71 -37.39 21.74 -7.70
N ASN C 72 -37.92 21.83 -6.48
CA ASN C 72 -37.97 20.70 -5.57
C ASN C 72 -39.17 19.83 -5.82
N TRP C 73 -39.13 18.60 -5.33
CA TRP C 73 -40.18 17.64 -5.64
C TRP C 73 -41.57 18.13 -5.16
N GLN C 74 -41.66 18.63 -3.94
CA GLN C 74 -42.93 19.16 -3.45
C GLN C 74 -43.57 20.19 -4.39
N ASP C 75 -42.74 20.94 -5.11
CA ASP C 75 -43.26 21.94 -6.05
C ASP C 75 -43.65 21.39 -7.41
N LEU C 76 -43.07 20.26 -7.79
CA LEU C 76 -43.29 19.66 -9.09
C LEU C 76 -44.56 18.80 -9.02
N LEU C 77 -44.82 18.22 -7.86
CA LEU C 77 -46.10 17.60 -7.50
C LEU C 77 -47.35 18.42 -7.85
N ARG C 78 -47.24 19.70 -8.14
CA ARG C 78 -48.44 20.50 -8.37
C ARG C 78 -48.68 20.75 -9.85
N VAL C 79 -47.74 20.32 -10.67
CA VAL C 79 -47.83 20.59 -12.09
C VAL C 79 -48.91 19.69 -12.69
N ASP C 80 -49.72 20.25 -13.58
CA ASP C 80 -50.63 19.43 -14.37
C ASP C 80 -49.90 19.09 -15.64
N ALA C 81 -49.45 17.85 -15.75
CA ALA C 81 -48.73 17.36 -16.95
C ALA C 81 -49.61 16.57 -17.92
N GLY C 82 -50.94 16.75 -17.86
CA GLY C 82 -51.90 16.13 -18.83
C GLY C 82 -52.87 17.05 -19.61
N SER C 83 -53.39 18.08 -18.95
CA SER C 83 -54.31 19.05 -19.59
C SER C 83 -53.85 19.58 -20.92
N TRP C 84 -52.56 19.70 -21.13
CA TRP C 84 -52.08 20.22 -22.41
C TRP C 84 -52.51 19.34 -23.58
N TYR C 85 -52.58 18.03 -23.34
CA TYR C 85 -52.89 17.08 -24.39
C TYR C 85 -54.36 17.14 -24.79
N SER C 86 -55.23 16.92 -23.80
CA SER C 86 -56.69 16.85 -24.01
C SER C 86 -57.32 16.99 -22.64
N LYS C 87 -58.61 17.30 -22.62
CA LYS C 87 -59.25 17.67 -21.36
C LYS C 87 -59.50 16.50 -20.42
N ALA C 88 -59.24 15.28 -20.89
CA ALA C 88 -59.52 14.06 -20.15
C ALA C 88 -58.43 13.70 -19.14
N PHE C 89 -57.30 14.39 -19.22
CA PHE C 89 -56.16 14.06 -18.39
C PHE C 89 -55.90 15.21 -17.45
N LYS C 90 -56.93 15.65 -16.74
CA LYS C 90 -56.88 16.86 -15.92
C LYS C 90 -55.94 16.65 -14.72
N GLY C 91 -56.08 15.58 -14.01
CA GLY C 91 -55.24 15.51 -12.82
C GLY C 91 -53.74 15.34 -13.00
N GLU C 92 -53.25 15.18 -14.22
CA GLU C 92 -52.18 14.19 -14.42
C GLU C 92 -50.81 14.63 -13.96
N PRO C 93 -50.27 13.95 -12.92
CA PRO C 93 -48.97 14.29 -12.37
C PRO C 93 -47.73 13.91 -13.20
N LEU C 94 -46.61 14.54 -12.86
CA LEU C 94 -45.31 14.07 -13.24
C LEU C 94 -45.09 12.85 -12.34
N PRO C 95 -44.82 11.68 -12.94
CA PRO C 95 -44.62 10.46 -12.18
C PRO C 95 -43.19 10.22 -11.67
N LEU C 96 -43.04 9.80 -10.42
CA LEU C 96 -41.76 9.26 -9.94
C LEU C 96 -41.43 7.96 -10.68
N LEU C 97 -40.14 7.74 -10.90
CA LEU C 97 -39.64 6.50 -11.48
C LEU C 97 -40.14 5.24 -10.76
N SER C 98 -40.24 5.29 -9.43
CA SER C 98 -40.71 4.13 -8.68
C SER C 98 -42.13 3.78 -9.07
N GLN C 99 -42.93 4.80 -9.34
CA GLN C 99 -44.29 4.59 -9.77
C GLN C 99 -44.29 3.96 -11.17
N VAL C 100 -43.45 4.47 -12.05
CA VAL C 100 -43.32 3.88 -13.37
C VAL C 100 -42.88 2.41 -13.31
N ALA C 101 -41.93 2.07 -12.44
CA ALA C 101 -41.48 0.66 -12.28
C ALA C 101 -42.65 -0.20 -11.85
N GLU C 102 -43.51 0.36 -11.03
CA GLU C 102 -44.64 -0.37 -10.52
C GLU C 102 -45.69 -0.66 -11.62
N ARG C 103 -45.97 0.32 -12.47
CA ARG C 103 -46.92 0.11 -13.56
C ARG C 103 -46.34 -0.88 -14.55
N CYS C 104 -45.03 -0.82 -14.74
CA CYS C 104 -44.36 -1.77 -15.58
C CYS C 104 -44.58 -3.20 -15.03
N ARG C 105 -44.58 -3.34 -13.71
CA ARG C 105 -44.75 -4.65 -13.11
C ARG C 105 -46.16 -5.12 -13.35
N GLU C 106 -47.11 -4.25 -13.06
CA GLU C 106 -48.53 -4.54 -13.21
C GLU C 106 -48.96 -4.94 -14.60
N HIS C 107 -48.39 -4.31 -15.60
CA HIS C 107 -48.79 -4.57 -16.98
C HIS C 107 -47.87 -5.54 -17.71
N GLY C 108 -46.81 -6.00 -17.07
CA GLY C 108 -45.95 -6.98 -17.67
C GLY C 108 -45.09 -6.38 -18.77
N ALA C 111 -38.81 -2.04 -19.93
CA ALA C 111 -38.50 -0.62 -19.82
C ALA C 111 -37.23 -0.22 -20.51
N ASN C 112 -37.32 0.84 -21.32
CA ASN C 112 -36.11 1.56 -21.79
C ASN C 112 -36.10 2.96 -21.14
N ILE C 113 -35.21 3.10 -20.17
CA ILE C 113 -35.05 4.35 -19.45
C ILE C 113 -34.03 5.24 -20.19
N GLU C 114 -34.54 6.21 -20.93
CA GLU C 114 -33.65 7.23 -21.44
C GLU C 114 -33.28 8.19 -20.30
N ILE C 115 -32.02 8.17 -19.92
CA ILE C 115 -31.50 9.17 -19.01
C ILE C 115 -31.42 10.51 -19.80
N LYS C 116 -32.36 11.42 -19.51
CA LYS C 116 -32.49 12.69 -20.22
C LYS C 116 -32.27 13.83 -19.25
N PRO C 117 -31.00 14.12 -18.93
CA PRO C 117 -30.70 15.06 -17.86
C PRO C 117 -30.98 16.51 -18.18
N THR C 118 -31.25 17.29 -17.15
CA THR C 118 -31.21 18.73 -17.24
C THR C 118 -29.83 19.15 -17.68
N THR C 119 -29.76 19.94 -18.75
CA THR C 119 -28.48 20.39 -19.30
C THR C 119 -27.50 20.73 -18.22
N GLY C 120 -26.31 20.19 -18.33
CA GLY C 120 -25.24 20.44 -17.36
C GLY C 120 -25.26 19.51 -16.15
N THR C 121 -26.26 18.63 -16.04
CA THR C 121 -26.34 17.72 -14.88
C THR C 121 -26.18 16.25 -15.26
N GLY C 122 -25.32 16.00 -16.23
CA GLY C 122 -25.19 14.67 -16.85
C GLY C 122 -24.59 13.55 -15.99
N PRO C 123 -23.42 13.79 -15.38
CA PRO C 123 -22.88 12.81 -14.44
C PRO C 123 -23.82 12.53 -13.28
N LEU C 124 -24.35 13.56 -12.61
CA LEU C 124 -25.18 13.30 -11.44
C LEU C 124 -26.42 12.49 -11.84
N THR C 125 -27.06 12.89 -12.94
CA THR C 125 -28.30 12.27 -13.37
C THR C 125 -28.09 10.79 -13.75
N GLY C 126 -27.03 10.49 -14.49
CA GLY C 126 -26.74 9.12 -14.90
C GLY C 126 -26.36 8.20 -13.75
N LYS C 127 -25.67 8.74 -12.76
CA LYS C 127 -25.30 7.99 -11.60
C LYS C 127 -26.56 7.59 -10.81
N VAL C 129 -29.97 7.73 -11.66
CA VAL C 129 -30.93 6.96 -12.40
C VAL C 129 -30.52 5.50 -12.48
N ALA C 130 -29.23 5.24 -12.56
CA ALA C 130 -28.71 3.88 -12.63
C ALA C 130 -28.90 3.20 -11.31
N LEU C 131 -28.38 3.81 -10.24
CA LEU C 131 -28.60 3.32 -8.89
C LEU C 131 -30.11 3.06 -8.63
N ALA C 132 -30.96 4.02 -8.95
CA ALA C 132 -32.41 3.85 -8.69
C ALA C 132 -33.04 2.71 -9.52
N ALA C 133 -32.62 2.61 -10.79
CA ALA C 133 -33.05 1.53 -11.68
C ALA C 133 -32.64 0.20 -11.11
N ARG C 134 -31.40 0.11 -10.64
CA ARG C 134 -30.92 -1.10 -9.97
C ARG C 134 -31.89 -1.56 -8.92
N GLN C 135 -32.30 -0.67 -8.01
CA GLN C 135 -33.11 -1.08 -6.86
C GLN C 135 -34.55 -1.34 -7.29
N LEU C 136 -35.08 -0.47 -8.14
CA LEU C 136 -36.48 -0.57 -8.57
C LEU C 136 -36.80 -1.74 -9.48
N TRP C 137 -35.93 -2.09 -10.42
CA TRP C 137 -36.15 -3.23 -11.30
C TRP C 137 -35.62 -4.57 -10.76
N ALA C 138 -35.32 -4.64 -9.47
CA ALA C 138 -34.86 -5.89 -8.86
C ALA C 138 -35.81 -7.05 -9.18
N GLY C 139 -35.24 -8.23 -9.42
CA GLY C 139 -36.04 -9.43 -9.75
C GLY C 139 -37.04 -9.14 -10.85
N THR C 141 -36.86 -8.14 -15.42
CA THR C 141 -35.95 -8.04 -16.55
C THR C 141 -35.24 -6.69 -16.47
N PRO C 142 -33.94 -6.70 -16.57
CA PRO C 142 -33.23 -5.44 -16.47
C PRO C 142 -33.80 -4.36 -17.42
N PRO C 143 -33.95 -3.12 -16.94
CA PRO C 143 -34.25 -2.01 -17.86
C PRO C 143 -33.05 -1.70 -18.75
N LEU C 144 -33.36 -1.32 -19.99
CA LEU C 144 -32.38 -0.84 -20.96
C LEU C 144 -32.13 0.68 -20.70
N LEU C 145 -30.91 1.02 -20.25
CA LEU C 145 -30.50 2.42 -20.05
C LEU C 145 -29.96 3.04 -21.33
N SER C 146 -30.57 4.10 -21.84
CA SER C 146 -29.98 4.83 -22.96
C SER C 146 -29.81 6.32 -22.66
N SER C 147 -29.01 6.99 -23.49
CA SER C 147 -28.83 8.43 -23.40
C SER C 147 -28.08 8.97 -24.56
N PHE C 148 -28.51 10.15 -25.02
CA PHE C 148 -27.73 10.98 -25.93
C PHE C 148 -26.46 11.50 -25.31
N GLU C 149 -26.42 11.60 -23.99
CA GLU C 149 -25.29 12.18 -23.26
C GLU C 149 -24.25 11.18 -22.75
N ILE C 150 -23.02 11.32 -23.23
CA ILE C 150 -21.94 10.42 -22.89
C ILE C 150 -21.53 10.44 -21.42
N ASP C 151 -21.43 11.63 -20.85
CA ASP C 151 -21.57 11.89 -19.42
C ASP C 151 -22.36 10.82 -18.63
N ALA C 152 -23.61 10.70 -19.03
CA ALA C 152 -24.62 10.08 -18.20
C ALA C 152 -24.40 8.59 -18.32
N LEU C 153 -24.14 8.15 -19.56
CA LEU C 153 -23.74 6.78 -19.81
C LEU C 153 -22.48 6.35 -19.06
N GLU C 154 -21.45 7.18 -19.06
CA GLU C 154 -20.21 6.89 -18.28
C GLU C 154 -20.55 6.73 -16.81
N ALA C 155 -21.35 7.65 -16.31
CA ALA C 155 -21.77 7.64 -14.91
C ALA C 155 -22.57 6.36 -14.56
N ALA C 156 -23.44 5.96 -15.47
CA ALA C 156 -24.26 4.76 -15.32
C ALA C 156 -23.41 3.52 -15.31
N GLN C 157 -22.39 3.52 -16.18
CA GLN C 157 -21.47 2.41 -16.30
C GLN C 157 -20.78 2.14 -14.99
N GLN C 158 -20.29 3.19 -14.34
CA GLN C 158 -19.61 3.06 -13.06
C GLN C 158 -20.54 2.64 -11.96
N ALA C 159 -21.75 3.16 -11.99
CA ALA C 159 -22.69 2.98 -10.91
C ALA C 159 -23.38 1.62 -10.91
N ALA C 160 -23.72 1.11 -12.10
CA ALA C 160 -24.48 -0.14 -12.22
C ALA C 160 -24.04 -0.86 -13.49
N PRO C 161 -22.84 -1.46 -13.46
CA PRO C 161 -22.27 -1.99 -14.70
C PRO C 161 -23.14 -3.02 -15.33
N GLU C 162 -23.87 -3.78 -14.52
CA GLU C 162 -24.66 -4.90 -15.02
C GLU C 162 -25.96 -4.52 -15.74
N LEU C 163 -26.36 -3.26 -15.66
CA LEU C 163 -27.55 -2.80 -16.39
C LEU C 163 -27.12 -2.47 -17.82
N PRO C 164 -27.80 -3.06 -18.80
CA PRO C 164 -27.39 -2.84 -20.18
C PRO C 164 -27.57 -1.40 -20.66
N ARG C 165 -26.73 -0.97 -21.60
CA ARG C 165 -26.70 0.41 -22.03
C ARG C 165 -26.76 0.54 -23.52
N GLY C 166 -27.51 1.55 -23.98
CA GLY C 166 -27.54 1.92 -25.41
C GLY C 166 -27.14 3.39 -25.64
N LEU C 167 -26.35 3.64 -26.70
CA LEU C 167 -25.97 4.98 -27.04
C LEU C 167 -27.02 5.55 -27.96
N LEU C 168 -27.58 6.70 -27.59
CA LEU C 168 -28.48 7.44 -28.51
C LEU C 168 -27.66 8.37 -29.43
N LEU C 169 -27.97 8.38 -30.71
CA LEU C 169 -27.34 9.27 -31.66
C LEU C 169 -28.36 9.88 -32.59
N ASP C 170 -28.41 11.22 -32.66
CA ASP C 170 -29.23 11.90 -33.68
C ASP C 170 -28.47 12.17 -34.98
N GLU C 171 -27.14 12.29 -34.89
CA GLU C 171 -26.25 12.34 -36.06
C GLU C 171 -25.16 11.29 -35.93
N TRP C 172 -24.78 10.70 -37.05
CA TRP C 172 -23.65 9.77 -37.11
C TRP C 172 -22.36 10.39 -36.56
N ARG C 173 -21.44 9.54 -36.10
CA ARG C 173 -20.09 9.99 -35.71
C ARG C 173 -19.03 8.99 -36.12
N ASP C 174 -17.91 9.54 -36.59
CA ASP C 174 -16.62 8.86 -36.81
C ASP C 174 -16.26 7.75 -35.86
N ASP C 175 -16.56 7.94 -34.58
CA ASP C 175 -16.03 7.08 -33.51
C ASP C 175 -17.11 6.25 -32.83
N TRP C 176 -18.17 5.94 -33.57
CA TRP C 176 -19.27 5.17 -33.01
C TRP C 176 -18.84 3.84 -32.39
N ARG C 177 -17.92 3.13 -33.05
CA ARG C 177 -17.55 1.80 -32.58
C ARG C 177 -16.59 1.86 -31.42
N GLU C 178 -15.69 2.82 -31.42
CA GLU C 178 -14.81 3.02 -30.28
C GLU C 178 -15.67 3.36 -29.07
N LEU C 179 -16.66 4.23 -29.30
CA LEU C 179 -17.49 4.77 -28.23
C LEU C 179 -18.37 3.70 -27.60
N THR C 180 -19.03 2.91 -28.43
CA THR C 180 -19.90 1.85 -27.91
C THR C 180 -19.07 0.77 -27.23
N ALA C 181 -17.89 0.50 -27.78
CA ALA C 181 -16.94 -0.41 -27.17
C ALA C 181 -16.63 0.02 -25.76
N ARG C 182 -16.19 1.27 -25.63
CA ARG C 182 -15.66 1.80 -24.37
C ARG C 182 -16.75 1.85 -23.31
N LEU C 183 -17.99 2.07 -23.75
CA LEU C 183 -19.09 2.21 -22.84
C LEU C 183 -19.70 0.83 -22.54
N GLY C 184 -19.24 -0.18 -23.27
CA GLY C 184 -19.79 -1.52 -23.13
C GLY C 184 -21.27 -1.58 -23.39
N CYS C 185 -21.72 -1.03 -24.51
CA CYS C 185 -23.14 -1.02 -24.85
C CYS C 185 -23.63 -2.28 -25.50
N VAL C 186 -24.79 -2.75 -25.10
CA VAL C 186 -25.41 -3.79 -25.88
C VAL C 186 -25.98 -3.26 -27.17
N SER C 187 -26.36 -1.99 -27.21
CA SER C 187 -27.15 -1.48 -28.31
C SER C 187 -26.78 -0.06 -28.76
N ILE C 188 -27.25 0.31 -29.93
CA ILE C 188 -27.09 1.66 -30.47
C ILE C 188 -28.47 2.08 -30.98
N HIS C 189 -28.86 3.31 -30.68
CA HIS C 189 -30.24 3.76 -30.92
C HIS C 189 -30.17 5.00 -31.80
N LEU C 190 -30.71 4.89 -33.01
CA LEU C 190 -30.50 5.90 -34.02
C LEU C 190 -31.77 6.51 -34.54
N ASN C 191 -31.68 7.79 -34.89
CA ASN C 191 -32.63 8.43 -35.77
C ASN C 191 -32.70 7.62 -37.03
N HIS C 192 -33.90 7.17 -37.36
CA HIS C 192 -34.08 6.28 -38.50
C HIS C 192 -33.60 6.92 -39.80
N LYS C 193 -33.59 8.25 -39.87
CA LYS C 193 -33.03 8.96 -41.03
C LYS C 193 -31.53 8.69 -41.27
N LEU C 194 -30.85 8.16 -40.26
CA LEU C 194 -29.45 7.79 -40.39
C LEU C 194 -29.26 6.44 -41.06
N LEU C 195 -30.31 5.65 -41.20
CA LEU C 195 -30.13 4.24 -41.49
C LEU C 195 -30.34 3.87 -42.93
N ASP C 196 -29.46 2.99 -43.43
CA ASP C 196 -29.66 2.21 -44.67
C ASP C 196 -29.25 0.75 -44.39
N LYS C 197 -29.48 -0.13 -45.35
CA LYS C 197 -29.12 -1.57 -45.22
C LYS C 197 -27.63 -1.84 -44.93
N ALA C 198 -26.74 -1.04 -45.53
CA ALA C 198 -25.29 -1.21 -45.37
C ALA C 198 -24.86 -0.81 -43.97
N ARG C 199 -25.27 0.38 -43.55
CA ARG C 199 -25.08 0.84 -42.18
C ARG C 199 -25.50 -0.24 -41.18
N VAL C 200 -26.73 -0.74 -41.35
CA VAL C 200 -27.26 -1.76 -40.42
C VAL C 200 -26.34 -2.97 -40.40
N GLN C 202 -23.22 -2.89 -41.12
CA GLN C 202 -22.02 -2.42 -40.46
C GLN C 202 -22.19 -2.59 -38.97
N LEU C 203 -23.34 -2.20 -38.44
CA LEU C 203 -23.56 -2.20 -36.99
C LEU C 203 -23.81 -3.60 -36.44
N LYS C 204 -24.55 -4.40 -37.18
CA LYS C 204 -24.75 -5.80 -36.80
C LYS C 204 -23.39 -6.48 -36.74
N ASP C 205 -22.61 -6.26 -37.80
CA ASP C 205 -21.30 -6.88 -37.88
C ASP C 205 -20.39 -6.42 -36.76
N ALA C 206 -20.71 -5.31 -36.11
CA ALA C 206 -20.03 -4.95 -34.83
C ALA C 206 -20.71 -5.54 -33.60
N GLY C 207 -21.79 -6.30 -33.76
CA GLY C 207 -22.38 -7.01 -32.63
C GLY C 207 -23.28 -6.19 -31.71
N LEU C 208 -23.76 -5.06 -32.21
CA LEU C 208 -24.68 -4.25 -31.45
C LEU C 208 -26.09 -4.56 -31.90
N ARG C 209 -27.01 -4.66 -30.94
CA ARG C 209 -28.41 -4.58 -31.26
C ARG C 209 -28.74 -3.13 -31.67
N ILE C 210 -29.82 -2.96 -32.42
CA ILE C 210 -30.16 -1.67 -33.01
C ILE C 210 -31.58 -1.28 -32.68
N LEU C 211 -31.76 -0.17 -31.99
CA LEU C 211 -33.06 0.46 -31.81
C LEU C 211 -33.18 1.64 -32.76
N VAL C 212 -34.38 1.92 -33.22
CA VAL C 212 -34.59 3.04 -34.11
C VAL C 212 -35.77 3.92 -33.66
N TYR C 213 -35.63 5.24 -33.74
CA TYR C 213 -36.74 6.16 -33.41
C TYR C 213 -36.87 7.25 -34.46
N THR C 214 -38.03 7.91 -34.59
CA THR C 214 -39.32 7.50 -34.04
C THR C 214 -40.13 7.20 -35.27
N VAL C 215 -40.45 5.92 -35.48
CA VAL C 215 -40.98 5.44 -36.76
C VAL C 215 -42.47 5.16 -36.67
N ASN C 216 -43.26 5.86 -37.50
CA ASN C 216 -44.72 5.79 -37.43
C ASN C 216 -45.39 5.17 -38.66
N LYS C 217 -44.69 5.20 -39.80
CA LYS C 217 -45.24 4.66 -41.04
C LYS C 217 -44.99 3.15 -41.10
N PRO C 218 -46.06 2.36 -41.23
CA PRO C 218 -45.89 0.91 -41.30
C PRO C 218 -44.82 0.47 -42.30
N GLN C 219 -44.93 0.95 -43.55
CA GLN C 219 -44.07 0.44 -44.63
C GLN C 219 -42.59 0.68 -44.29
N HIS C 220 -42.26 1.84 -43.72
CA HIS C 220 -40.86 2.09 -43.36
C HIS C 220 -40.47 1.24 -42.15
N ALA C 221 -41.34 1.12 -41.16
CA ALA C 221 -41.08 0.22 -40.04
C ALA C 221 -40.80 -1.19 -40.54
N ALA C 222 -41.65 -1.65 -41.47
CA ALA C 222 -41.49 -2.99 -42.05
C ALA C 222 -40.11 -3.14 -42.71
N GLU C 223 -39.72 -2.07 -43.43
CA GLU C 223 -38.47 -2.07 -44.16
C GLU C 223 -37.26 -2.10 -43.24
N LEU C 224 -37.34 -1.38 -42.12
CA LEU C 224 -36.27 -1.38 -41.13
C LEU C 224 -36.06 -2.77 -40.51
N LEU C 225 -37.16 -3.47 -40.25
CA LEU C 225 -37.10 -4.80 -39.66
C LEU C 225 -36.50 -5.78 -40.64
N ARG C 226 -36.95 -5.70 -41.89
CA ARG C 226 -36.34 -6.48 -42.98
C ARG C 226 -34.84 -6.35 -43.05
N TRP C 227 -34.32 -5.14 -42.85
CA TRP C 227 -32.87 -4.97 -42.85
C TRP C 227 -32.21 -5.63 -41.64
N GLY C 228 -32.99 -5.88 -40.58
CA GLY C 228 -32.46 -6.47 -39.36
C GLY C 228 -32.43 -5.62 -38.09
N VAL C 229 -33.05 -4.45 -38.10
CA VAL C 229 -33.15 -3.61 -36.90
C VAL C 229 -33.84 -4.41 -35.80
N ASP C 230 -33.53 -4.13 -34.54
CA ASP C 230 -34.10 -4.91 -33.43
C ASP C 230 -35.35 -4.31 -32.79
N CYS C 231 -35.36 -3.03 -32.40
CA CYS C 231 -36.64 -2.39 -31.99
C CYS C 231 -36.98 -1.19 -32.80
N ILE C 232 -38.27 -1.02 -32.98
CA ILE C 232 -38.82 0.18 -33.52
C ILE C 232 -39.52 0.92 -32.39
N CYS C 233 -39.06 2.15 -32.14
CA CYS C 233 -39.69 3.05 -31.23
C CYS C 233 -40.69 3.90 -32.01
N THR C 234 -41.97 3.78 -31.68
CA THR C 234 -43.02 4.43 -32.44
C THR C 234 -43.95 5.25 -31.55
N ASP C 235 -44.53 6.30 -32.13
CA ASP C 235 -45.59 7.09 -31.51
C ASP C 235 -46.92 6.54 -31.90
N ALA C 236 -46.93 5.76 -32.96
CA ALA C 236 -48.16 5.24 -33.50
C ALA C 236 -48.54 3.91 -32.87
N ILE C 237 -48.62 3.84 -31.54
CA ILE C 237 -48.83 2.54 -30.87
C ILE C 237 -50.10 1.78 -31.31
N ASP C 238 -51.02 2.43 -32.01
CA ASP C 238 -52.20 1.76 -32.57
C ASP C 238 -51.94 1.10 -33.93
N VAL C 239 -51.19 1.77 -34.79
CA VAL C 239 -51.00 1.30 -36.14
C VAL C 239 -49.90 0.27 -36.17
N ILE C 240 -48.75 0.60 -35.60
CA ILE C 240 -47.66 -0.36 -35.51
C ILE C 240 -48.16 -1.49 -34.61
N GLY C 241 -47.97 -1.45 -33.31
CA GLY C 241 -48.72 -2.48 -32.53
C GLY C 241 -47.81 -3.64 -32.21
N PRO C 242 -48.07 -4.33 -31.10
CA PRO C 242 -46.98 -5.11 -30.45
C PRO C 242 -46.47 -6.25 -31.31
N ASN C 243 -47.32 -6.74 -32.19
CA ASN C 243 -46.93 -7.82 -33.08
C ASN C 243 -46.78 -7.44 -34.55
N PHE C 244 -46.30 -6.24 -34.80
CA PHE C 244 -46.14 -5.77 -36.14
C PHE C 244 -44.94 -6.47 -36.77
N THR C 245 -45.16 -7.11 -37.91
CA THR C 245 -44.10 -7.84 -38.61
C THR C 245 -43.80 -7.25 -40.00
N ALA C 246 -42.51 -7.33 -40.37
CA ALA C 246 -42.07 -7.24 -41.77
C ALA C 246 -42.38 -8.56 -42.50
N SER D 2 -31.13 -0.16 19.67
CA SER D 2 -31.11 -0.77 21.04
C SER D 2 -29.67 -1.18 21.40
N ASN D 3 -29.12 -2.14 20.66
CA ASN D 3 -27.70 -2.51 20.84
C ASN D 3 -26.79 -1.49 20.12
N TRP D 4 -25.52 -1.47 20.51
CA TRP D 4 -24.65 -0.31 20.38
C TRP D 4 -23.21 -0.79 20.36
N PRO D 5 -22.67 -1.04 19.16
CA PRO D 5 -21.31 -1.58 19.04
C PRO D 5 -20.20 -0.56 19.26
N TYR D 6 -20.58 0.72 19.45
CA TYR D 6 -19.66 1.85 19.29
C TYR D 6 -18.85 2.14 20.58
N PRO D 7 -17.56 2.42 20.42
CA PRO D 7 -16.58 2.79 21.44
C PRO D 7 -16.87 3.98 22.29
N ARG D 8 -16.00 4.12 23.29
CA ARG D 8 -16.10 5.16 24.28
C ARG D 8 -15.57 6.48 23.71
N ILE D 9 -14.52 6.39 22.89
CA ILE D 9 -13.80 7.54 22.36
C ILE D 9 -13.82 7.60 20.83
N VAL D 10 -14.19 8.75 20.28
CA VAL D 10 -14.16 8.98 18.84
C VAL D 10 -13.14 10.03 18.43
N ALA D 11 -12.38 9.69 17.40
CA ALA D 11 -11.35 10.56 16.85
C ALA D 11 -11.96 11.64 15.95
N HIS D 12 -11.92 12.90 16.39
CA HIS D 12 -12.50 14.00 15.65
C HIS D 12 -11.80 14.16 14.30
N ARG D 13 -12.57 14.00 13.23
CA ARG D 13 -12.12 14.35 11.88
C ARG D 13 -10.88 13.58 11.47
N GLY D 14 -10.83 12.33 11.92
CA GLY D 14 -9.77 11.43 11.55
C GLY D 14 -8.69 11.37 12.59
N GLY D 15 -8.04 12.50 12.87
CA GLY D 15 -6.81 12.52 13.69
C GLY D 15 -6.70 13.75 14.56
N GLY D 16 -7.86 14.23 15.01
CA GLY D 16 -7.91 15.29 16.00
C GLY D 16 -7.19 16.51 15.48
N LYS D 17 -6.48 17.20 16.38
CA LYS D 17 -5.68 18.35 15.97
C LYS D 17 -4.22 17.97 15.68
N LEU D 18 -3.91 16.68 15.61
CA LEU D 18 -2.53 16.25 15.36
C LEU D 18 -2.23 15.99 13.90
N ALA D 19 -3.23 16.14 13.04
CA ALA D 19 -3.07 15.93 11.59
C ALA D 19 -4.10 16.77 10.82
N PRO D 20 -3.90 16.97 9.51
CA PRO D 20 -4.88 17.74 8.75
C PRO D 20 -6.22 17.00 8.69
N GLU D 21 -7.24 17.65 9.26
CA GLU D 21 -8.58 17.06 9.41
C GLU D 21 -9.15 16.47 8.11
N ASN D 22 -10.01 15.46 8.29
CA ASN D 22 -10.80 14.87 7.20
C ASN D 22 -9.94 14.43 6.02
N THR D 23 -8.97 13.60 6.33
CA THR D 23 -7.92 13.24 5.40
C THR D 23 -7.54 11.79 5.67
N LEU D 24 -7.17 11.02 4.64
CA LEU D 24 -6.63 9.68 4.85
C LEU D 24 -5.40 9.71 5.76
N ALA D 25 -4.46 10.62 5.47
CA ALA D 25 -3.37 10.86 6.41
C ALA D 25 -3.86 10.93 7.87
N ALA D 26 -4.85 11.77 8.15
CA ALA D 26 -5.33 11.99 9.53
C ALA D 26 -5.89 10.72 10.17
N ILE D 27 -6.60 9.93 9.36
CA ILE D 27 -7.15 8.64 9.80
C ILE D 27 -6.05 7.69 10.24
N ASP D 28 -4.99 7.61 9.43
CA ASP D 28 -3.80 6.82 9.78
C ASP D 28 -3.26 7.26 11.13
N VAL D 29 -3.12 8.56 11.35
CA VAL D 29 -2.52 9.04 12.60
C VAL D 29 -3.42 8.65 13.79
N GLY D 30 -4.74 8.74 13.59
CA GLY D 30 -5.72 8.20 14.53
C GLY D 30 -5.49 6.71 14.84
N ALA D 31 -5.11 5.92 13.82
CA ALA D 31 -4.89 4.48 13.99
C ALA D 31 -3.64 4.29 14.83
N LYS D 32 -2.62 5.08 14.49
CA LYS D 32 -1.34 5.02 15.18
C LYS D 32 -1.47 5.19 16.68
N TYR D 33 -2.47 5.92 17.14
CA TYR D 33 -2.70 6.09 18.57
C TYR D 33 -3.76 5.11 19.13
N GLY D 34 -4.05 4.08 18.34
CA GLY D 34 -4.82 2.93 18.79
C GLY D 34 -6.32 3.13 18.87
N HIS D 35 -6.85 4.17 18.22
CA HIS D 35 -8.28 4.47 18.29
C HIS D 35 -9.11 3.56 17.41
N LYS D 36 -10.35 3.32 17.86
CA LYS D 36 -11.22 2.31 17.26
C LYS D 36 -12.45 2.92 16.57
N ILE D 38 -13.61 6.79 14.36
CA ILE D 38 -13.38 8.14 13.87
C ILE D 38 -14.71 8.77 13.45
N GLU D 39 -14.82 10.07 13.71
CA GLU D 39 -15.85 10.89 13.10
C GLU D 39 -15.22 11.66 11.92
N PHE D 40 -16.03 11.97 10.91
CA PHE D 40 -15.61 12.78 9.77
C PHE D 40 -16.79 13.36 8.98
N ASP D 41 -16.57 14.51 8.36
CA ASP D 41 -17.62 15.28 7.73
C ASP D 41 -17.72 14.99 6.22
N ALA D 42 -18.84 14.45 5.73
CA ALA D 42 -18.96 14.13 4.29
C ALA D 42 -20.00 14.98 3.55
N LYS D 43 -19.69 15.37 2.30
CA LYS D 43 -20.58 16.15 1.44
C LYS D 43 -20.40 15.78 -0.04
N LEU D 44 -21.16 16.41 -0.92
CA LEU D 44 -21.24 16.04 -2.35
C LEU D 44 -20.56 17.01 -3.27
N SER D 45 -19.82 16.49 -4.26
CA SER D 45 -19.38 17.29 -5.40
C SER D 45 -20.55 17.59 -6.38
N LYS D 46 -20.32 18.43 -7.38
CA LYS D 46 -21.37 18.79 -8.34
C LYS D 46 -21.84 17.57 -9.12
N ASP D 47 -20.90 16.71 -9.47
CA ASP D 47 -21.20 15.50 -10.24
C ASP D 47 -21.58 14.32 -9.36
N GLY D 48 -21.75 14.55 -8.06
CA GLY D 48 -22.30 13.53 -7.17
C GLY D 48 -21.33 12.56 -6.50
N GLU D 49 -20.08 12.96 -6.32
CA GLU D 49 -19.14 12.20 -5.52
C GLU D 49 -19.20 12.60 -4.05
N ILE D 50 -19.08 11.61 -3.18
CA ILE D 50 -19.08 11.85 -1.75
C ILE D 50 -17.64 11.94 -1.29
N PHE D 51 -17.24 13.10 -0.75
CA PHE D 51 -15.88 13.31 -0.22
C PHE D 51 -15.95 13.98 1.14
N LEU D 52 -14.81 14.15 1.80
CA LEU D 52 -14.80 14.77 3.13
C LEU D 52 -14.32 16.19 3.05
N LEU D 53 -15.04 17.07 3.73
CA LEU D 53 -14.68 18.48 3.87
C LEU D 53 -15.71 19.09 4.80
N HIS D 54 -15.28 19.59 5.94
CA HIS D 54 -16.18 20.29 6.81
C HIS D 54 -16.91 21.51 6.23
N ASP D 55 -16.16 22.51 5.80
CA ASP D 55 -16.72 23.78 5.44
C ASP D 55 -17.36 23.80 4.06
N ASP D 56 -17.96 24.90 3.70
CA ASP D 56 -18.51 25.05 2.39
C ASP D 56 -17.38 25.31 1.45
N ASN D 57 -16.36 25.94 1.97
CA ASN D 57 -15.34 26.55 1.18
C ASN D 57 -14.03 25.85 1.38
N LEU D 58 -13.21 25.80 0.35
CA LEU D 58 -11.95 25.11 0.36
C LEU D 58 -10.86 25.80 1.18
N GLU D 59 -10.98 27.11 1.40
CA GLU D 59 -9.89 27.98 1.95
C GLU D 59 -9.23 27.55 3.25
N ARG D 60 -10.04 27.25 4.27
CA ARG D 60 -9.48 27.07 5.62
C ARG D 60 -8.59 25.86 5.73
N THR D 61 -8.85 24.84 4.93
CA THR D 61 -8.12 23.59 5.06
C THR D 61 -7.53 23.10 3.74
N SER D 62 -7.30 24.00 2.80
CA SER D 62 -6.68 23.56 1.56
C SER D 62 -6.08 24.74 0.81
N ASN D 63 -5.50 24.49 -0.35
CA ASN D 63 -4.97 25.56 -1.19
C ASN D 63 -6.00 26.01 -2.22
N GLY D 64 -7.23 25.52 -2.08
CA GLY D 64 -8.30 25.89 -3.00
C GLY D 64 -8.97 27.16 -2.56
N TRP D 65 -9.91 27.63 -3.40
CA TRP D 65 -10.76 28.82 -3.12
C TRP D 65 -12.13 28.46 -3.60
N GLY D 66 -13.16 28.74 -2.79
CA GLY D 66 -14.56 28.65 -3.21
C GLY D 66 -15.38 27.48 -2.68
N VAL D 67 -16.62 27.40 -3.13
CA VAL D 67 -17.53 26.36 -2.69
C VAL D 67 -17.22 25.05 -3.38
N ALA D 68 -16.89 24.05 -2.58
CA ALA D 68 -16.40 22.77 -3.09
C ALA D 68 -17.46 22.07 -3.91
N GLY D 69 -18.69 22.05 -3.40
CA GLY D 69 -19.74 21.26 -4.02
C GLY D 69 -20.21 21.83 -5.33
N GLU D 70 -19.77 23.05 -5.66
CA GLU D 70 -20.00 23.65 -6.97
C GLU D 70 -18.91 23.31 -7.97
N LEU D 71 -18.03 22.39 -7.60
CA LEU D 71 -16.94 21.97 -8.45
C LEU D 71 -17.10 20.48 -8.74
N ASN D 72 -16.67 20.03 -9.91
CA ASN D 72 -16.70 18.62 -10.23
C ASN D 72 -15.46 17.99 -9.61
N TRP D 73 -15.60 16.70 -9.26
CA TRP D 73 -14.54 15.92 -8.66
C TRP D 73 -13.25 16.05 -9.44
N GLN D 74 -13.41 15.97 -10.75
CA GLN D 74 -12.36 16.22 -11.71
C GLN D 74 -11.30 17.14 -11.16
N ASP D 75 -11.72 18.34 -10.78
CA ASP D 75 -10.75 19.32 -10.34
C ASP D 75 -10.66 19.52 -8.83
N LEU D 76 -11.58 18.97 -8.05
CA LEU D 76 -11.39 18.84 -6.59
C LEU D 76 -10.26 17.87 -6.24
N LEU D 77 -10.03 16.92 -7.13
CA LEU D 77 -8.92 15.96 -7.07
C LEU D 77 -7.55 16.62 -7.05
N ARG D 78 -7.40 17.80 -7.65
CA ARG D 78 -6.11 18.51 -7.64
C ARG D 78 -5.85 19.28 -6.35
N VAL D 79 -6.82 19.40 -5.45
CA VAL D 79 -6.65 20.23 -4.25
C VAL D 79 -5.69 19.62 -3.20
N ASP D 80 -4.82 20.45 -2.63
CA ASP D 80 -3.91 20.08 -1.53
C ASP D 80 -4.60 20.40 -0.20
N ALA D 81 -5.22 19.38 0.39
CA ALA D 81 -5.94 19.54 1.66
C ALA D 81 -5.06 19.24 2.88
N GLY D 82 -3.74 19.33 2.74
CA GLY D 82 -2.80 18.98 3.85
C GLY D 82 -1.70 19.98 4.21
N SER D 83 -1.13 20.65 3.21
CA SER D 83 -0.07 21.65 3.41
C SER D 83 -0.39 22.72 4.41
N TRP D 84 -1.65 23.14 4.47
CA TRP D 84 -2.04 24.15 5.45
C TRP D 84 -1.69 23.68 6.85
N TYR D 85 -1.68 22.37 7.09
CA TYR D 85 -1.43 21.90 8.45
C TYR D 85 0.05 21.96 8.80
N SER D 86 0.91 21.39 7.94
CA SER D 86 2.38 21.35 8.15
C SER D 86 3.07 20.84 6.89
N LYS D 87 4.37 21.13 6.76
CA LYS D 87 5.01 20.86 5.48
C LYS D 87 5.08 19.37 5.16
N ALA D 88 4.83 18.52 6.15
CA ALA D 88 4.82 17.07 5.93
C ALA D 88 3.65 16.57 5.10
N PHE D 89 2.56 17.29 5.06
CA PHE D 89 1.40 16.77 4.36
C PHE D 89 1.19 17.37 2.97
N LYS D 90 2.25 17.89 2.35
CA LYS D 90 2.24 18.30 0.97
C LYS D 90 1.31 17.45 0.14
N GLY D 91 1.39 16.15 0.37
CA GLY D 91 0.58 15.31 -0.53
C GLY D 91 -0.92 15.68 -0.71
N GLU D 92 -1.56 16.02 0.40
CA GLU D 92 -2.81 15.38 0.76
C GLU D 92 -4.05 15.76 -0.03
N PRO D 93 -4.75 14.74 -0.56
CA PRO D 93 -6.00 14.94 -1.25
C PRO D 93 -7.22 14.96 -0.33
N LEU D 94 -8.26 15.58 -0.84
CA LEU D 94 -9.58 15.41 -0.33
C LEU D 94 -9.93 13.94 -0.63
N PRO D 95 -10.23 13.13 0.39
CA PRO D 95 -10.54 11.73 0.17
C PRO D 95 -11.99 11.49 -0.18
N LEU D 96 -12.27 10.54 -1.08
CA LEU D 96 -13.64 10.05 -1.30
C LEU D 96 -14.07 9.19 -0.14
N LEU D 97 -15.38 9.09 0.08
CA LEU D 97 -15.93 8.27 1.16
C LEU D 97 -15.55 6.79 1.02
N SER D 98 -15.48 6.30 -0.21
CA SER D 98 -15.04 4.94 -0.51
C SER D 98 -13.63 4.72 0.01
N GLN D 99 -12.71 5.59 -0.36
CA GLN D 99 -11.36 5.54 0.22
C GLN D 99 -11.40 5.48 1.77
N VAL D 100 -12.19 6.36 2.41
CA VAL D 100 -12.34 6.33 3.87
C VAL D 100 -12.88 5.00 4.37
N ALA D 101 -13.86 4.44 3.67
CA ALA D 101 -14.47 3.15 4.06
C ALA D 101 -13.42 2.04 4.08
N GLU D 102 -12.56 2.02 3.06
CA GLU D 102 -11.45 1.07 3.03
C GLU D 102 -10.46 1.31 4.20
N ARG D 103 -10.08 2.54 4.50
CA ARG D 103 -9.13 2.77 5.60
C ARG D 103 -9.69 2.32 6.93
N CYS D 104 -11.01 2.36 7.10
CA CYS D 104 -11.61 1.87 8.32
C CYS D 104 -11.45 0.36 8.44
N ARG D 105 -11.66 -0.34 7.33
CA ARG D 105 -11.50 -1.78 7.33
C ARG D 105 -10.10 -2.13 7.76
N GLU D 106 -9.11 -1.57 7.05
CA GLU D 106 -7.69 -1.79 7.34
C GLU D 106 -7.33 -1.64 8.82
N HIS D 107 -7.76 -0.55 9.45
CA HIS D 107 -7.44 -0.31 10.85
C HIS D 107 -8.53 -0.78 11.80
N GLY D 108 -9.45 -1.61 11.33
CA GLY D 108 -10.53 -2.13 12.17
C GLY D 108 -11.26 -1.09 13.00
N ALA D 111 -17.09 4.07 12.37
CA ALA D 111 -17.28 5.33 11.65
C ALA D 111 -18.55 6.09 12.02
N ASN D 112 -18.40 7.31 12.55
CA ASN D 112 -19.48 8.30 12.60
C ASN D 112 -19.33 9.21 11.38
N ILE D 113 -20.22 9.05 10.39
CA ILE D 113 -20.27 9.93 9.22
C ILE D 113 -21.13 11.09 9.58
N GLU D 114 -20.56 12.27 9.80
CA GLU D 114 -21.40 13.44 9.93
C GLU D 114 -21.79 13.86 8.53
N ILE D 115 -23.08 13.90 8.24
CA ILE D 115 -23.55 14.42 6.97
C ILE D 115 -23.51 15.93 7.13
N LYS D 116 -22.67 16.57 6.33
CA LYS D 116 -22.35 18.00 6.48
C LYS D 116 -22.48 18.66 5.12
N PRO D 117 -23.73 18.87 4.66
CA PRO D 117 -23.99 19.26 3.28
C PRO D 117 -23.55 20.67 2.99
N THR D 118 -23.31 20.96 1.72
CA THR D 118 -23.13 22.33 1.28
C THR D 118 -24.46 23.00 1.53
N THR D 119 -24.43 24.27 1.97
CA THR D 119 -25.66 24.95 2.40
C THR D 119 -26.70 24.93 1.30
N GLY D 120 -27.94 24.66 1.72
CA GLY D 120 -29.06 24.53 0.80
C GLY D 120 -29.11 23.26 -0.05
N THR D 121 -28.36 22.22 0.32
CA THR D 121 -28.37 20.95 -0.44
C THR D 121 -28.55 19.76 0.48
N GLY D 122 -29.20 20.00 1.62
CA GLY D 122 -29.47 18.99 2.62
C GLY D 122 -30.03 17.65 2.15
N PRO D 123 -31.27 17.65 1.60
CA PRO D 123 -31.95 16.42 1.16
C PRO D 123 -31.16 15.58 0.17
N LEU D 124 -30.56 16.23 -0.84
CA LEU D 124 -29.82 15.49 -1.86
C LEU D 124 -28.62 14.84 -1.22
N THR D 125 -27.91 15.59 -0.38
CA THR D 125 -26.74 15.08 0.33
C THR D 125 -27.11 13.88 1.22
N GLY D 126 -28.12 14.09 2.06
CA GLY D 126 -28.48 13.09 3.06
C GLY D 126 -28.92 11.79 2.42
N LYS D 127 -29.68 11.91 1.33
CA LYS D 127 -30.05 10.77 0.49
C LYS D 127 -28.81 10.07 -0.05
N VAL D 129 -25.52 10.32 0.66
CA VAL D 129 -24.59 9.78 1.65
C VAL D 129 -25.15 8.52 2.27
N ALA D 130 -26.44 8.54 2.61
CA ALA D 130 -27.11 7.41 3.24
C ALA D 130 -26.94 6.15 2.39
N LEU D 131 -27.33 6.25 1.12
CA LEU D 131 -27.25 5.16 0.14
C LEU D 131 -25.83 4.69 -0.05
N ALA D 132 -24.89 5.61 -0.13
CA ALA D 132 -23.50 5.23 -0.33
C ALA D 132 -22.94 4.51 0.90
N ALA D 133 -23.33 4.97 2.08
CA ALA D 133 -22.96 4.34 3.35
C ALA D 133 -23.42 2.89 3.37
N ARG D 134 -24.72 2.69 3.12
CA ARG D 134 -25.28 1.35 3.01
C ARG D 134 -24.38 0.44 2.22
N GLN D 135 -23.99 0.88 1.02
CA GLN D 135 -23.25 0.04 0.10
C GLN D 135 -21.82 -0.19 0.51
N LEU D 136 -21.13 0.86 0.96
CA LEU D 136 -19.71 0.74 1.31
C LEU D 136 -19.47 0.06 2.67
N TRP D 137 -20.46 0.09 3.57
CA TRP D 137 -20.32 -0.55 4.87
C TRP D 137 -21.01 -1.93 4.94
N ALA D 138 -21.23 -2.52 3.77
CA ALA D 138 -21.73 -3.89 3.67
C ALA D 138 -20.65 -4.85 4.15
N GLY D 139 -20.94 -5.58 5.23
CA GLY D 139 -20.00 -6.53 5.80
C GLY D 139 -19.20 -5.96 6.97
N THR D 141 -19.52 -3.33 10.81
CA THR D 141 -20.35 -2.62 11.77
C THR D 141 -21.00 -1.45 11.04
N PRO D 142 -22.33 -1.34 11.15
CA PRO D 142 -22.99 -0.17 10.57
C PRO D 142 -22.34 1.15 11.03
N PRO D 143 -22.25 2.13 10.11
CA PRO D 143 -21.74 3.46 10.45
C PRO D 143 -22.81 4.29 11.12
N LEU D 144 -22.40 5.13 12.04
CA LEU D 144 -23.33 6.01 12.73
C LEU D 144 -23.49 7.28 11.90
N LEU D 145 -24.72 7.53 11.43
CA LEU D 145 -25.02 8.71 10.62
C LEU D 145 -25.48 9.83 11.52
N SER D 146 -24.87 11.00 11.41
CA SER D 146 -25.36 12.18 12.14
C SER D 146 -25.34 13.45 11.29
N SER D 147 -26.07 14.45 11.75
CA SER D 147 -26.11 15.73 11.08
C SER D 147 -26.78 16.77 11.97
N PHE D 148 -26.34 18.02 11.83
CA PHE D 148 -27.02 19.16 12.43
C PHE D 148 -28.26 19.52 11.62
N GLU D 149 -28.36 19.01 10.40
CA GLU D 149 -29.44 19.35 9.50
C GLU D 149 -30.56 18.32 9.59
N ILE D 150 -31.76 18.81 9.82
CA ILE D 150 -32.92 17.93 9.94
C ILE D 150 -33.34 17.32 8.58
N ASP D 151 -33.39 18.15 7.53
CA ASP D 151 -33.61 17.65 6.15
C ASP D 151 -32.69 16.48 5.76
N ALA D 152 -31.42 16.60 6.13
CA ALA D 152 -30.43 15.57 5.78
C ALA D 152 -30.72 14.26 6.51
N LEU D 153 -31.03 14.35 7.80
CA LEU D 153 -31.44 13.17 8.58
C LEU D 153 -32.78 12.57 8.07
N GLU D 154 -33.74 13.43 7.72
CA GLU D 154 -35.00 12.97 7.10
C GLU D 154 -34.73 12.18 5.84
N ALA D 155 -33.86 12.70 4.97
CA ALA D 155 -33.54 12.00 3.71
C ALA D 155 -32.75 10.72 3.96
N ALA D 156 -31.94 10.73 5.02
CA ALA D 156 -31.20 9.55 5.48
C ALA D 156 -32.22 8.54 5.99
N GLN D 157 -33.21 9.06 6.69
CA GLN D 157 -34.27 8.23 7.21
C GLN D 157 -34.94 7.46 6.07
N GLN D 158 -35.40 8.17 5.04
CA GLN D 158 -36.12 7.54 3.91
C GLN D 158 -35.23 6.58 3.13
N ALA D 159 -34.04 7.02 2.77
CA ALA D 159 -33.16 6.26 1.89
C ALA D 159 -32.58 5.04 2.59
N ALA D 160 -32.15 5.18 3.84
CA ALA D 160 -31.46 4.09 4.56
C ALA D 160 -31.87 3.99 6.06
N PRO D 161 -33.08 3.48 6.31
CA PRO D 161 -33.61 3.46 7.67
C PRO D 161 -32.88 2.56 8.66
N GLU D 162 -32.36 1.43 8.20
CA GLU D 162 -31.65 0.51 9.10
C GLU D 162 -30.44 1.19 9.78
N LEU D 163 -29.68 1.99 9.01
CA LEU D 163 -28.53 2.75 9.53
C LEU D 163 -28.89 3.70 10.69
N PRO D 164 -28.20 3.55 11.84
CA PRO D 164 -28.47 4.39 13.00
C PRO D 164 -28.27 5.89 12.75
N ARG D 165 -29.08 6.72 13.41
CA ARG D 165 -29.00 8.16 13.23
C ARG D 165 -28.87 8.88 14.56
N GLY D 166 -28.00 9.88 14.60
CA GLY D 166 -27.89 10.75 15.77
C GLY D 166 -28.12 12.18 15.36
N LEU D 167 -28.67 12.98 16.28
CA LEU D 167 -28.95 14.38 15.99
C LEU D 167 -27.89 15.28 16.62
N LEU D 168 -27.19 16.04 15.77
CA LEU D 168 -26.22 17.00 16.26
C LEU D 168 -26.93 18.27 16.76
N LEU D 169 -26.51 18.78 17.91
CA LEU D 169 -27.04 20.03 18.44
C LEU D 169 -25.98 20.87 19.13
N ASP D 170 -25.89 22.14 18.73
CA ASP D 170 -24.92 23.07 19.33
C ASP D 170 -25.60 23.96 20.38
N GLU D 171 -26.90 24.21 20.19
CA GLU D 171 -27.78 24.85 21.17
C GLU D 171 -28.65 23.76 21.79
N TRP D 172 -29.42 24.13 22.80
CA TRP D 172 -30.40 23.22 23.40
C TRP D 172 -31.82 23.52 22.86
N ARG D 173 -32.60 22.46 22.62
CA ARG D 173 -33.92 22.54 21.97
C ARG D 173 -34.95 21.89 22.88
N ASP D 174 -36.06 22.60 23.15
CA ASP D 174 -37.08 22.05 24.04
C ASP D 174 -37.74 20.78 23.48
N ASP D 175 -37.95 20.75 22.17
CA ASP D 175 -38.65 19.64 21.50
C ASP D 175 -37.70 18.52 21.10
N TRP D 176 -36.58 18.43 21.78
CA TRP D 176 -35.63 17.38 21.49
C TRP D 176 -36.30 15.99 21.53
N ARG D 177 -37.30 15.83 22.40
CA ARG D 177 -37.90 14.53 22.63
C ARG D 177 -38.70 14.02 21.42
N GLU D 178 -39.59 14.84 20.86
CA GLU D 178 -40.36 14.44 19.66
C GLU D 178 -39.44 14.28 18.46
N LEU D 179 -38.49 15.20 18.32
CA LEU D 179 -37.65 15.31 17.13
C LEU D 179 -36.83 14.04 16.97
N THR D 180 -36.25 13.59 18.06
CA THR D 180 -35.46 12.35 18.09
C THR D 180 -36.32 11.14 17.75
N ALA D 181 -37.48 11.06 18.42
CA ALA D 181 -38.50 10.05 18.16
C ALA D 181 -38.95 10.08 16.68
N ARG D 182 -39.45 11.23 16.25
CA ARG D 182 -39.80 11.48 14.86
C ARG D 182 -38.73 10.99 13.87
N LEU D 183 -37.46 11.27 14.17
CA LEU D 183 -36.36 10.87 13.28
C LEU D 183 -35.93 9.40 13.44
N GLY D 184 -36.25 8.79 14.59
CA GLY D 184 -35.89 7.40 14.84
C GLY D 184 -34.44 7.28 15.25
N CYS D 185 -34.03 8.17 16.15
CA CYS D 185 -32.62 8.31 16.51
C CYS D 185 -32.15 7.34 17.56
N VAL D 186 -31.14 6.56 17.24
CA VAL D 186 -30.46 5.78 18.26
C VAL D 186 -29.74 6.72 19.26
N SER D 187 -29.24 7.86 18.78
CA SER D 187 -28.31 8.72 19.56
C SER D 187 -28.56 10.23 19.49
N ILE D 188 -27.93 10.96 20.41
CA ILE D 188 -27.95 12.43 20.38
C ILE D 188 -26.55 12.98 20.65
N HIS D 189 -26.16 13.94 19.83
CA HIS D 189 -24.78 14.36 19.73
C HIS D 189 -24.72 15.85 20.11
N LEU D 190 -23.96 16.19 21.15
CA LEU D 190 -24.13 17.48 21.82
C LEU D 190 -22.86 18.23 22.23
N ASN D 191 -22.89 19.53 22.02
CA ASN D 191 -21.84 20.41 22.53
C ASN D 191 -21.75 20.22 24.02
N HIS D 192 -20.56 19.85 24.50
CA HIS D 192 -20.36 19.55 25.93
C HIS D 192 -20.72 20.69 26.90
N LYS D 193 -20.60 21.94 26.44
CA LYS D 193 -21.02 23.12 27.23
C LYS D 193 -22.42 22.96 27.78
N LEU D 194 -23.28 22.32 26.98
CA LEU D 194 -24.71 22.25 27.23
C LEU D 194 -25.12 21.21 28.27
N LEU D 195 -24.21 20.34 28.66
CA LEU D 195 -24.54 19.29 29.63
C LEU D 195 -24.23 19.66 31.06
N ASP D 196 -25.12 19.26 31.96
CA ASP D 196 -24.79 19.08 33.38
C ASP D 196 -25.31 17.70 33.84
N LYS D 197 -25.05 17.38 35.11
CA LYS D 197 -25.50 16.12 35.71
C LYS D 197 -26.98 15.88 35.39
N ALA D 198 -27.83 16.81 35.81
CA ALA D 198 -29.28 16.71 35.60
C ALA D 198 -29.67 16.40 34.14
N ARG D 199 -29.15 17.19 33.18
CA ARG D 199 -29.58 17.06 31.77
C ARG D 199 -29.21 15.70 31.15
N VAL D 200 -28.05 15.15 31.52
CA VAL D 200 -27.59 13.88 30.95
C VAL D 200 -28.51 12.76 31.40
N GLN D 202 -31.65 12.80 32.20
CA GLN D 202 -32.97 12.70 31.58
C GLN D 202 -32.97 12.18 30.14
N LEU D 203 -31.91 12.48 29.39
CA LEU D 203 -31.72 11.92 28.04
C LEU D 203 -31.46 10.41 28.07
N LYS D 204 -30.88 9.93 29.18
CA LYS D 204 -30.63 8.48 29.35
C LYS D 204 -31.94 7.71 29.58
N ASP D 205 -32.72 8.14 30.57
CA ASP D 205 -33.99 7.47 30.87
C ASP D 205 -35.00 7.63 29.72
N ALA D 206 -34.77 8.61 28.85
CA ALA D 206 -35.52 8.73 27.60
C ALA D 206 -35.03 7.72 26.54
N GLY D 207 -34.02 6.91 26.88
CA GLY D 207 -33.58 5.78 26.05
C GLY D 207 -32.53 6.07 24.97
N LEU D 208 -31.88 7.24 25.03
CA LEU D 208 -30.92 7.65 23.99
C LEU D 208 -29.45 7.48 24.40
N ARG D 209 -28.61 7.10 23.44
CA ARG D 209 -27.16 7.08 23.64
C ARG D 209 -26.64 8.49 23.40
N ILE D 210 -25.62 8.91 24.15
CA ILE D 210 -25.16 10.31 24.12
C ILE D 210 -23.71 10.47 23.64
N LEU D 211 -23.51 11.32 22.63
CA LEU D 211 -22.17 11.71 22.18
C LEU D 211 -21.95 13.17 22.55
N VAL D 212 -20.72 13.51 22.91
CA VAL D 212 -20.35 14.88 23.25
C VAL D 212 -19.12 15.33 22.47
N TYR D 213 -19.11 16.60 22.06
CA TYR D 213 -17.96 17.20 21.37
C TYR D 213 -17.71 18.64 21.83
N THR D 214 -16.50 19.18 21.70
CA THR D 214 -15.29 18.45 21.39
C THR D 214 -14.46 18.52 22.66
N VAL D 215 -14.25 17.37 23.29
CA VAL D 215 -13.68 17.36 24.64
C VAL D 215 -12.24 16.97 24.60
N ASN D 216 -11.40 17.83 25.15
CA ASN D 216 -9.95 17.65 25.11
C ASN D 216 -9.28 17.52 26.49
N LYS D 217 -9.86 18.14 27.53
CA LYS D 217 -9.29 18.08 28.88
C LYS D 217 -9.76 16.79 29.57
N PRO D 218 -8.81 15.93 29.99
CA PRO D 218 -9.12 14.64 30.66
C PRO D 218 -10.16 14.70 31.81
N GLN D 219 -9.90 15.51 32.83
CA GLN D 219 -10.78 15.53 33.99
C GLN D 219 -12.23 15.82 33.55
N HIS D 220 -12.40 16.72 32.58
CA HIS D 220 -13.71 17.06 32.06
C HIS D 220 -14.33 15.87 31.32
N ALA D 221 -13.49 15.10 30.64
CA ALA D 221 -13.91 13.91 29.90
C ALA D 221 -14.36 12.80 30.83
N ALA D 222 -13.62 12.61 31.93
CA ALA D 222 -13.93 11.61 32.95
C ALA D 222 -15.26 11.95 33.66
N GLU D 223 -15.44 13.24 33.94
CA GLU D 223 -16.66 13.74 34.55
C GLU D 223 -17.87 13.44 33.69
N LEU D 224 -17.79 13.81 32.41
CA LEU D 224 -18.84 13.47 31.42
C LEU D 224 -19.12 11.96 31.33
N LEU D 225 -18.06 11.15 31.36
CA LEU D 225 -18.22 9.69 31.33
C LEU D 225 -18.92 9.13 32.57
N ARG D 226 -18.73 9.76 33.73
CA ARG D 226 -19.34 9.28 34.97
C ARG D 226 -20.84 9.54 34.98
N TRP D 227 -21.24 10.75 34.59
CA TRP D 227 -22.65 11.07 34.41
C TRP D 227 -23.34 10.04 33.49
N GLY D 228 -22.56 9.36 32.65
CA GLY D 228 -23.05 8.23 31.86
C GLY D 228 -23.05 8.40 30.34
N VAL D 229 -22.38 9.46 29.84
CA VAL D 229 -22.26 9.70 28.40
C VAL D 229 -21.49 8.54 27.78
N ASP D 230 -21.94 8.06 26.62
CA ASP D 230 -21.40 6.82 26.02
C ASP D 230 -20.24 7.07 25.06
N CYS D 231 -20.06 8.33 24.68
CA CYS D 231 -19.13 8.69 23.62
C CYS D 231 -18.48 10.04 23.77
N ILE D 232 -17.16 10.04 23.75
CA ILE D 232 -16.42 11.28 23.81
C ILE D 232 -15.70 11.50 22.48
N CYS D 233 -15.92 12.68 21.90
CA CYS D 233 -15.34 13.05 20.63
C CYS D 233 -14.31 14.11 20.91
N THR D 234 -13.05 13.80 20.59
CA THR D 234 -11.90 14.57 21.05
C THR D 234 -10.94 14.88 19.91
N ASP D 235 -10.30 16.04 20.03
CA ASP D 235 -9.14 16.42 19.21
C ASP D 235 -7.83 16.00 19.85
N ALA D 236 -7.81 15.88 21.18
CA ALA D 236 -6.59 15.50 21.91
C ALA D 236 -6.45 13.97 21.95
N ILE D 237 -6.40 13.34 20.77
CA ILE D 237 -6.38 11.88 20.64
C ILE D 237 -5.16 11.22 21.28
N ASP D 238 -4.14 12.02 21.57
CA ASP D 238 -2.94 11.53 22.22
C ASP D 238 -3.17 11.41 23.72
N VAL D 239 -3.97 12.32 24.27
CA VAL D 239 -4.07 12.46 25.72
C VAL D 239 -5.31 11.77 26.26
N ILE D 240 -6.33 11.63 25.40
CA ILE D 240 -7.59 11.04 25.81
C ILE D 240 -7.55 9.51 25.69
N GLY D 241 -7.72 9.02 24.47
CA GLY D 241 -7.10 7.77 24.05
C GLY D 241 -8.03 6.59 24.20
N PRO D 242 -7.80 5.56 23.38
CA PRO D 242 -8.81 4.56 23.10
C PRO D 242 -9.43 3.95 24.34
N ASN D 243 -8.64 3.75 25.39
CA ASN D 243 -9.13 3.07 26.59
C ASN D 243 -9.31 4.00 27.79
N PHE D 244 -9.59 5.26 27.53
CA PHE D 244 -9.69 6.24 28.60
C PHE D 244 -10.89 5.91 29.51
N THR D 245 -10.79 6.27 30.79
CA THR D 245 -11.97 6.34 31.70
C THR D 245 -11.63 7.02 33.04
N ALA D 246 -12.68 7.45 33.76
CA ALA D 246 -12.52 8.07 35.10
C ALA D 246 -12.04 7.03 36.13
#